data_5GZW
#
_entry.id   5GZW
#
_cell.length_a   61.480
_cell.length_b   65.039
_cell.length_c   177.271
_cell.angle_alpha   90.00
_cell.angle_beta   90.00
_cell.angle_gamma   90.00
#
_symmetry.space_group_name_H-M   'P 21 21 21'
#
loop_
_entity.id
_entity.type
_entity.pdbx_description
1 polymer Beta-lactamase
2 non-polymer 'ADENOSINE MONOPHOSPHATE'
3 non-polymer 'SULFATE ION'
4 water water
#
_entity_poly.entity_id   1
_entity_poly.type   'polypeptide(L)'
_entity_poly.pdbx_seq_one_letter_code
;MHHHHHHPQQINDIVHRTITPLIEQQKIPGMAVAVIYQGKPYYFTWGYADIAKKQPVTQQTLFELGSVSKTFTGVLGGDA
IARGEIKLSDPATKYWPELTAKQWNGITLLHLATYTAGGLPLQVPDEVKSSSDLLRFYQNWQPAWAPGTQRLYANSSIGL
FGALAVKPSGLSFEQAMQTRVFQPLKLNHTWINVPPPEEKNYAWGYREGKAVHVSPGALDAEAYGVKSTIEDMARWVRSN
MNPRDINDKTLQQGIQLAQSRYWQTGDMYQGLGWEMLDWPVNPDSIINGSGNKIALAAAAHPVKAITPPTPAVRASWVHK
TGATGGFGSYVAFIPEKELGIVMLANKNYPNPARVAAAWQILNALQ
;
_entity_poly.pdbx_strand_id   A,B
#
loop_
_chem_comp.id
_chem_comp.type
_chem_comp.name
_chem_comp.formula
AMP non-polymer 'ADENOSINE MONOPHOSPHATE' 'C10 H14 N5 O7 P'
SO4 non-polymer 'SULFATE ION' 'O4 S -2'
#
# COMPACT_ATOMS: atom_id res chain seq x y z
N HIS A 7 -15.03 -38.43 -4.79
CA HIS A 7 -15.52 -37.28 -4.03
C HIS A 7 -15.80 -37.66 -2.59
N PRO A 8 -15.48 -36.76 -1.64
CA PRO A 8 -16.01 -36.83 -0.28
C PRO A 8 -17.53 -36.79 -0.33
N GLN A 9 -18.20 -37.69 0.40
CA GLN A 9 -19.66 -37.76 0.32
C GLN A 9 -20.34 -36.45 0.72
N GLN A 10 -19.78 -35.74 1.69
CA GLN A 10 -20.37 -34.49 2.16
C GLN A 10 -20.37 -33.43 1.04
N ILE A 11 -19.39 -33.50 0.14
CA ILE A 11 -19.35 -32.59 -0.99
C ILE A 11 -20.48 -32.93 -1.97
N ASN A 12 -20.59 -34.21 -2.32
CA ASN A 12 -21.70 -34.69 -3.14
C ASN A 12 -23.05 -34.31 -2.53
N ASP A 13 -23.19 -34.54 -1.23
CA ASP A 13 -24.46 -34.28 -0.56
C ASP A 13 -24.89 -32.83 -0.62
N ILE A 14 -23.97 -31.92 -0.30
CA ILE A 14 -24.32 -30.51 -0.29
C ILE A 14 -24.47 -29.95 -1.71
N VAL A 15 -23.66 -30.44 -2.65
CA VAL A 15 -23.78 -29.96 -4.03
C VAL A 15 -25.10 -30.42 -4.67
N HIS A 16 -25.43 -31.70 -4.48
CA HIS A 16 -26.69 -32.22 -5.01
C HIS A 16 -27.88 -31.50 -4.37
N ARG A 17 -27.82 -31.31 -3.07
CA ARG A 17 -28.87 -30.64 -2.31
C ARG A 17 -29.10 -29.22 -2.80
N THR A 18 -28.02 -28.55 -3.18
CA THR A 18 -28.04 -27.12 -3.43
C THR A 18 -28.22 -26.79 -4.91
N ILE A 19 -27.41 -27.44 -5.76
CA ILE A 19 -27.39 -27.11 -7.19
C ILE A 19 -28.57 -27.70 -7.97
N THR A 20 -29.01 -28.90 -7.59
CA THR A 20 -30.17 -29.51 -8.23
C THR A 20 -31.43 -28.61 -8.24
N PRO A 21 -31.86 -28.08 -7.07
CA PRO A 21 -33.04 -27.21 -7.13
C PRO A 21 -32.80 -25.92 -7.92
N LEU A 22 -31.61 -25.33 -7.75
CA LEU A 22 -31.23 -24.11 -8.46
C LEU A 22 -31.43 -24.26 -9.96
N ILE A 23 -30.94 -25.36 -10.52
CA ILE A 23 -31.08 -25.63 -11.94
C ILE A 23 -32.56 -25.73 -12.33
N GLU A 24 -33.32 -26.51 -11.56
CA GLU A 24 -34.74 -26.65 -11.81
C GLU A 24 -35.48 -25.33 -11.80
N GLN A 25 -35.31 -24.53 -10.76
CA GLN A 25 -36.13 -23.33 -10.67
C GLN A 25 -35.64 -22.20 -11.58
N GLN A 26 -34.33 -22.16 -11.84
CA GLN A 26 -33.81 -21.16 -12.77
C GLN A 26 -33.89 -21.64 -14.21
N LYS A 27 -34.26 -22.92 -14.37
CA LYS A 27 -34.38 -23.57 -15.68
C LYS A 27 -33.08 -23.42 -16.49
N ILE A 28 -31.96 -23.72 -15.82
CA ILE A 28 -30.64 -23.65 -16.42
C ILE A 28 -30.37 -24.87 -17.30
N PRO A 29 -30.02 -24.64 -18.58
CA PRO A 29 -29.91 -25.77 -19.52
C PRO A 29 -28.66 -26.62 -19.32
N GLY A 30 -27.58 -25.98 -18.88
CA GLY A 30 -26.33 -26.67 -18.66
C GLY A 30 -25.56 -25.96 -17.55
N MET A 31 -24.79 -26.73 -16.79
CA MET A 31 -24.05 -26.17 -15.66
C MET A 31 -22.81 -27.01 -15.33
N ALA A 32 -21.75 -26.33 -14.92
CA ALA A 32 -20.58 -26.98 -14.36
C ALA A 32 -20.23 -26.29 -13.06
N VAL A 33 -19.82 -27.08 -12.09
CA VAL A 33 -19.44 -26.57 -10.78
C VAL A 33 -18.14 -27.22 -10.38
N ALA A 34 -17.24 -26.44 -9.80
CA ALA A 34 -16.09 -26.99 -9.13
C ALA A 34 -16.17 -26.58 -7.68
N VAL A 35 -15.97 -27.54 -6.78
CA VAL A 35 -15.79 -27.21 -5.37
C VAL A 35 -14.34 -27.51 -5.03
N ILE A 36 -13.66 -26.49 -4.50
CA ILE A 36 -12.30 -26.64 -4.03
C ILE A 36 -12.39 -26.82 -2.51
N TYR A 37 -11.88 -27.95 -2.05
CA TYR A 37 -12.02 -28.37 -0.66
C TYR A 37 -10.71 -28.97 -0.22
N GLN A 38 -10.14 -28.40 0.85
CA GLN A 38 -8.81 -28.76 1.31
C GLN A 38 -7.80 -28.79 0.16
N GLY A 39 -7.87 -27.76 -0.68
CA GLY A 39 -6.91 -27.59 -1.77
C GLY A 39 -7.22 -28.31 -3.06
N LYS A 40 -8.02 -29.38 -3.00
CA LYS A 40 -8.31 -30.21 -4.18
C LYS A 40 -9.62 -29.84 -4.86
N PRO A 41 -9.66 -29.99 -6.21
CA PRO A 41 -10.91 -29.68 -6.90
C PRO A 41 -11.82 -30.90 -7.10
N TYR A 42 -13.13 -30.68 -7.02
CA TYR A 42 -14.12 -31.72 -7.30
C TYR A 42 -15.17 -31.19 -8.28
N TYR A 43 -15.37 -31.91 -9.37
CA TYR A 43 -16.15 -31.42 -10.49
C TYR A 43 -17.52 -32.06 -10.61
N PHE A 44 -18.49 -31.26 -11.03
CA PHE A 44 -19.85 -31.71 -11.29
C PHE A 44 -20.35 -31.05 -12.59
N THR A 45 -21.10 -31.80 -13.38
CA THR A 45 -21.69 -31.26 -14.62
C THR A 45 -23.15 -31.69 -14.75
N TRP A 46 -23.94 -30.84 -15.40
CA TRP A 46 -25.36 -31.10 -15.62
C TRP A 46 -25.78 -30.58 -16.99
N GLY A 47 -26.79 -31.23 -17.57
CA GLY A 47 -27.48 -30.68 -18.72
C GLY A 47 -26.65 -30.57 -19.98
N TYR A 48 -27.04 -29.66 -20.87
CA TYR A 48 -26.43 -29.58 -22.20
C TYR A 48 -25.68 -28.26 -22.46
N ALA A 49 -24.55 -28.39 -23.17
CA ALA A 49 -23.82 -27.25 -23.72
C ALA A 49 -24.54 -26.74 -24.96
N ASP A 50 -25.10 -27.67 -25.71
CA ASP A 50 -25.86 -27.36 -26.92
C ASP A 50 -27.16 -28.15 -26.82
N ILE A 51 -28.27 -27.44 -26.64
CA ILE A 51 -29.56 -28.07 -26.45
C ILE A 51 -29.99 -28.82 -27.71
N ALA A 52 -29.94 -28.13 -28.84
CA ALA A 52 -30.38 -28.70 -30.11
C ALA A 52 -29.62 -29.98 -30.45
N LYS A 53 -28.31 -29.99 -30.24
CA LYS A 53 -27.50 -31.13 -30.61
C LYS A 53 -27.38 -32.15 -29.47
N LYS A 54 -28.07 -31.89 -28.37
CA LYS A 54 -27.98 -32.72 -27.17
C LYS A 54 -26.54 -33.07 -26.81
N GLN A 55 -25.68 -32.06 -26.80
CA GLN A 55 -24.32 -32.27 -26.38
C GLN A 55 -24.19 -31.92 -24.90
N PRO A 56 -23.82 -32.91 -24.08
CA PRO A 56 -23.77 -32.72 -22.63
C PRO A 56 -22.68 -31.72 -22.25
N VAL A 57 -22.89 -31.03 -21.14
CA VAL A 57 -21.80 -30.26 -20.56
C VAL A 57 -20.74 -31.26 -20.09
N THR A 58 -19.47 -30.98 -20.38
CA THR A 58 -18.40 -31.81 -19.85
C THR A 58 -17.40 -30.94 -19.11
N GLN A 59 -16.34 -31.55 -18.59
CA GLN A 59 -15.30 -30.79 -17.90
C GLN A 59 -14.43 -29.99 -18.86
N GLN A 60 -14.67 -30.16 -20.16
CA GLN A 60 -13.92 -29.45 -21.20
C GLN A 60 -14.80 -28.42 -21.89
N THR A 61 -16.04 -28.31 -21.45
CA THR A 61 -16.96 -27.31 -22.00
C THR A 61 -16.50 -25.89 -21.67
N LEU A 62 -16.42 -25.05 -22.69
CA LEU A 62 -16.10 -23.64 -22.50
C LEU A 62 -17.38 -22.83 -22.23
N PHE A 63 -17.33 -21.98 -21.20
CA PHE A 63 -18.42 -21.08 -20.85
C PHE A 63 -17.91 -19.64 -20.95
N GLU A 64 -18.78 -18.70 -21.30
CA GLU A 64 -18.43 -17.29 -21.27
C GLU A 64 -18.41 -16.79 -19.83
N LEU A 65 -17.30 -16.17 -19.41
CA LEU A 65 -17.15 -15.76 -18.01
C LEU A 65 -17.76 -14.42 -17.70
N GLY A 66 -18.05 -13.64 -18.76
CA GLY A 66 -18.55 -12.30 -18.57
C GLY A 66 -17.59 -11.52 -17.68
N SER A 67 -18.11 -10.75 -16.73
CA SER A 67 -17.24 -9.93 -15.87
C SER A 67 -16.28 -10.68 -14.93
N VAL A 68 -16.38 -12.00 -14.82
CA VAL A 68 -15.35 -12.77 -14.13
C VAL A 68 -14.02 -12.54 -14.84
N SER A 69 -14.08 -12.20 -16.13
CA SER A 69 -12.89 -11.74 -16.85
C SER A 69 -12.13 -10.64 -16.12
N LYS A 70 -12.83 -9.78 -15.38
CA LYS A 70 -12.19 -8.66 -14.70
C LYS A 70 -11.13 -9.11 -13.69
N THR A 71 -11.28 -10.33 -13.17
CA THR A 71 -10.29 -10.85 -12.22
C THR A 71 -8.97 -11.14 -12.94
N PHE A 72 -9.05 -11.65 -14.15
CA PHE A 72 -7.84 -11.84 -14.95
C PHE A 72 -7.18 -10.51 -15.26
N THR A 73 -7.97 -9.52 -15.65
CA THR A 73 -7.42 -8.19 -15.94
C THR A 73 -6.75 -7.58 -14.71
N GLY A 74 -7.37 -7.76 -13.55
CA GLY A 74 -6.85 -7.19 -12.31
C GLY A 74 -5.51 -7.81 -11.99
N VAL A 75 -5.43 -9.13 -12.10
CA VAL A 75 -4.19 -9.85 -11.84
C VAL A 75 -3.08 -9.48 -12.85
N LEU A 76 -3.45 -9.37 -14.13
CA LEU A 76 -2.47 -8.97 -15.13
C LEU A 76 -1.94 -7.57 -14.79
N GLY A 77 -2.81 -6.66 -14.36
CA GLY A 77 -2.37 -5.35 -13.91
C GLY A 77 -1.44 -5.45 -12.71
N GLY A 78 -1.79 -6.32 -11.76
CA GLY A 78 -0.96 -6.55 -10.59
C GLY A 78 0.42 -7.01 -10.99
N ASP A 79 0.48 -7.88 -11.97
CA ASP A 79 1.78 -8.37 -12.47
C ASP A 79 2.61 -7.24 -13.10
N ALA A 80 1.96 -6.33 -13.82
CA ALA A 80 2.66 -5.18 -14.38
C ALA A 80 3.19 -4.25 -13.27
N ILE A 81 2.43 -4.10 -12.18
CA ILE A 81 2.90 -3.29 -11.06
C ILE A 81 4.13 -3.95 -10.47
N ALA A 82 4.04 -5.26 -10.27
CA ALA A 82 5.15 -6.02 -9.68
C ALA A 82 6.42 -5.90 -10.53
N ARG A 83 6.27 -5.84 -11.84
CA ARG A 83 7.42 -5.68 -12.75
C ARG A 83 8.00 -4.28 -12.73
N GLY A 84 7.29 -3.32 -12.14
CA GLY A 84 7.71 -1.93 -12.22
C GLY A 84 7.36 -1.24 -13.53
N GLU A 85 6.50 -1.87 -14.32
CA GLU A 85 6.07 -1.27 -15.59
C GLU A 85 5.04 -0.15 -15.42
N ILE A 86 4.22 -0.26 -14.39
CA ILE A 86 3.23 0.76 -14.05
C ILE A 86 3.17 0.92 -12.52
N LYS A 87 2.63 2.06 -12.07
CA LYS A 87 2.16 2.19 -10.69
C LYS A 87 0.71 2.61 -10.77
N LEU A 88 -0.13 2.15 -9.83
CA LEU A 88 -1.53 2.55 -9.85
C LEU A 88 -1.68 4.03 -9.53
N SER A 89 -0.69 4.62 -8.87
CA SER A 89 -0.73 6.05 -8.57
C SER A 89 -0.42 6.94 -9.79
N ASP A 90 -0.01 6.35 -10.91
CA ASP A 90 0.36 7.10 -12.12
C ASP A 90 -0.89 7.64 -12.80
N PRO A 91 -0.81 8.86 -13.36
CA PRO A 91 -1.91 9.36 -14.20
C PRO A 91 -2.18 8.45 -15.39
N ALA A 92 -3.45 8.31 -15.76
CA ALA A 92 -3.80 7.50 -16.93
C ALA A 92 -3.10 8.03 -18.19
N THR A 93 -3.05 9.36 -18.31
CA THR A 93 -2.39 10.05 -19.42
C THR A 93 -0.92 9.70 -19.61
N LYS A 94 -0.25 9.25 -18.54
CA LYS A 94 1.13 8.80 -18.66
C LYS A 94 1.23 7.71 -19.72
N TYR A 95 0.18 6.89 -19.82
CA TYR A 95 0.16 5.77 -20.78
C TYR A 95 -0.71 6.00 -22.02
N TRP A 96 -1.29 7.19 -22.14
CA TRP A 96 -2.06 7.55 -23.32
C TRP A 96 -2.02 9.06 -23.46
N PRO A 97 -0.90 9.58 -23.95
CA PRO A 97 -0.69 11.04 -23.96
C PRO A 97 -1.68 11.78 -24.87
N GLU A 98 -2.27 11.06 -25.81
CA GLU A 98 -3.25 11.62 -26.73
C GLU A 98 -4.54 11.98 -26.02
N LEU A 99 -4.72 11.46 -24.81
CA LEU A 99 -5.87 11.77 -23.99
C LEU A 99 -5.60 13.09 -23.28
N THR A 100 -5.85 14.19 -24.00
CA THR A 100 -5.43 15.53 -23.57
C THR A 100 -6.49 16.33 -22.81
N ALA A 101 -7.73 15.89 -22.86
CA ALA A 101 -8.81 16.69 -22.28
C ALA A 101 -8.60 16.89 -20.78
N LYS A 102 -8.92 18.09 -20.29
CA LYS A 102 -8.49 18.49 -18.96
C LYS A 102 -9.16 17.72 -17.83
N GLN A 103 -10.31 17.10 -18.12
CA GLN A 103 -11.03 16.37 -17.09
C GLN A 103 -10.25 15.10 -16.71
N TRP A 104 -9.23 14.75 -17.49
CA TRP A 104 -8.37 13.60 -17.19
C TRP A 104 -7.23 13.89 -16.21
N ASN A 105 -6.94 15.16 -15.99
CA ASN A 105 -6.00 15.53 -14.95
C ASN A 105 -6.46 15.03 -13.59
N GLY A 106 -5.63 14.22 -12.95
CA GLY A 106 -5.96 13.71 -11.65
C GLY A 106 -6.53 12.32 -11.67
N ILE A 107 -6.88 11.81 -12.85
CA ILE A 107 -7.39 10.44 -12.96
C ILE A 107 -6.24 9.45 -13.16
N THR A 108 -6.14 8.48 -12.26
CA THR A 108 -5.02 7.57 -12.24
C THR A 108 -5.41 6.18 -12.71
N LEU A 109 -4.40 5.34 -12.92
CA LEU A 109 -4.66 3.92 -13.19
C LEU A 109 -5.49 3.27 -12.06
N LEU A 110 -5.21 3.61 -10.80
CA LEU A 110 -6.02 3.10 -9.70
C LEU A 110 -7.50 3.39 -9.93
N HIS A 111 -7.79 4.63 -10.30
CA HIS A 111 -9.18 5.05 -10.48
C HIS A 111 -9.83 4.22 -11.58
N LEU A 112 -9.14 4.04 -12.70
CA LEU A 112 -9.68 3.21 -13.76
C LEU A 112 -9.86 1.77 -13.28
N ALA A 113 -8.87 1.22 -12.59
CA ALA A 113 -8.93 -0.20 -12.24
C ALA A 113 -10.07 -0.50 -11.27
N THR A 114 -10.43 0.49 -10.45
CA THR A 114 -11.32 0.26 -9.33
C THR A 114 -12.64 1.02 -9.44
N TYR A 115 -12.95 1.49 -10.66
CA TYR A 115 -14.24 2.13 -10.97
C TYR A 115 -14.46 3.45 -10.22
N THR A 116 -13.37 4.14 -9.89
CA THR A 116 -13.46 5.34 -9.07
C THR A 116 -13.02 6.58 -9.81
N ALA A 117 -13.06 6.56 -11.13
CA ALA A 117 -12.57 7.68 -11.91
C ALA A 117 -13.52 8.87 -11.95
N GLY A 118 -14.77 8.63 -11.55
CA GLY A 118 -15.77 9.70 -11.50
C GLY A 118 -16.95 9.51 -12.44
N GLY A 119 -17.34 8.26 -12.68
CA GLY A 119 -18.58 8.02 -13.42
C GLY A 119 -18.42 7.62 -14.87
N LEU A 120 -17.36 6.91 -15.18
CA LEU A 120 -17.26 6.30 -16.50
C LEU A 120 -18.43 5.35 -16.70
N PRO A 121 -18.97 5.31 -17.93
CA PRO A 121 -20.24 4.59 -18.09
C PRO A 121 -20.11 3.09 -18.01
N LEU A 122 -21.18 2.44 -17.59
CA LEU A 122 -21.22 1.01 -17.49
C LEU A 122 -20.86 0.38 -18.83
N GLN A 123 -21.35 0.98 -19.92
CA GLN A 123 -21.07 0.47 -21.25
C GLN A 123 -20.31 1.47 -22.10
N VAL A 124 -19.31 1.00 -22.84
CA VAL A 124 -18.72 1.80 -23.89
C VAL A 124 -19.79 1.93 -24.99
N PRO A 125 -19.96 3.14 -25.57
CA PRO A 125 -20.96 3.29 -26.64
C PRO A 125 -20.75 2.24 -27.76
N ASP A 126 -21.86 1.67 -28.24
CA ASP A 126 -21.83 0.50 -29.12
C ASP A 126 -21.16 0.73 -30.47
N GLU A 127 -21.18 1.97 -30.95
CA GLU A 127 -20.52 2.34 -32.20
C GLU A 127 -19.01 2.57 -32.09
N VAL A 128 -18.48 2.52 -30.87
CA VAL A 128 -17.04 2.68 -30.68
C VAL A 128 -16.34 1.39 -31.10
N LYS A 129 -15.51 1.48 -32.13
CA LYS A 129 -14.88 0.28 -32.66
C LYS A 129 -13.37 0.46 -32.74
N SER A 130 -12.95 1.55 -33.38
CA SER A 130 -11.54 1.76 -33.69
C SER A 130 -10.81 2.46 -32.56
N SER A 131 -9.48 2.51 -32.66
CA SER A 131 -8.67 3.25 -31.70
C SER A 131 -9.07 4.72 -31.66
N SER A 132 -9.29 5.32 -32.83
CA SER A 132 -9.71 6.73 -32.86
C SER A 132 -11.09 6.93 -32.24
N ASP A 133 -12.00 5.97 -32.46
CA ASP A 133 -13.32 6.04 -31.84
C ASP A 133 -13.18 6.02 -30.34
N LEU A 134 -12.32 5.14 -29.85
CA LEU A 134 -12.12 4.99 -28.41
C LEU A 134 -11.56 6.27 -27.79
N LEU A 135 -10.56 6.85 -28.45
CA LEU A 135 -9.98 8.11 -28.00
C LEU A 135 -11.03 9.22 -27.94
N ARG A 136 -11.79 9.36 -29.02
CA ARG A 136 -12.83 10.40 -29.06
C ARG A 136 -13.86 10.23 -27.94
N PHE A 137 -14.25 8.98 -27.70
CA PHE A 137 -15.16 8.67 -26.60
C PHE A 137 -14.61 9.17 -25.26
N TYR A 138 -13.38 8.79 -24.93
CA TYR A 138 -12.81 9.20 -23.64
C TYR A 138 -12.57 10.71 -23.55
N GLN A 139 -12.21 11.31 -24.68
CA GLN A 139 -12.00 12.77 -24.74
C GLN A 139 -13.28 13.56 -24.46
N ASN A 140 -14.43 13.02 -24.86
CA ASN A 140 -15.70 13.71 -24.66
C ASN A 140 -16.38 13.38 -23.34
N TRP A 141 -15.89 12.37 -22.64
CA TRP A 141 -16.54 11.95 -21.42
C TRP A 141 -16.36 13.01 -20.33
N GLN A 142 -17.44 13.31 -19.62
CA GLN A 142 -17.42 14.27 -18.53
C GLN A 142 -17.72 13.58 -17.20
N PRO A 143 -16.83 13.74 -16.21
CA PRO A 143 -17.08 13.09 -14.93
C PRO A 143 -18.25 13.70 -14.18
N ALA A 144 -18.99 12.84 -13.51
CA ALA A 144 -20.06 13.25 -12.61
C ALA A 144 -19.53 13.59 -11.22
N TRP A 145 -18.34 13.09 -10.89
CA TRP A 145 -17.69 13.31 -9.58
C TRP A 145 -16.18 13.47 -9.71
N ALA A 146 -15.56 14.05 -8.70
CA ALA A 146 -14.10 14.14 -8.66
C ALA A 146 -13.50 12.73 -8.55
N PRO A 147 -12.25 12.56 -9.02
CA PRO A 147 -11.65 11.22 -8.94
C PRO A 147 -11.51 10.73 -7.50
N GLY A 148 -11.62 9.43 -7.30
CA GLY A 148 -11.35 8.81 -6.01
C GLY A 148 -12.38 9.09 -4.94
N THR A 149 -13.64 9.33 -5.33
CA THR A 149 -14.69 9.64 -4.36
C THR A 149 -15.92 8.77 -4.43
N GLN A 150 -16.24 8.24 -5.62
CA GLN A 150 -17.40 7.39 -5.82
C GLN A 150 -17.06 6.20 -6.70
N ARG A 151 -17.54 5.02 -6.31
CA ARG A 151 -17.41 3.81 -7.09
C ARG A 151 -18.64 3.63 -7.98
N LEU A 152 -18.44 3.53 -9.29
CA LEU A 152 -19.50 3.16 -10.20
C LEU A 152 -19.01 2.01 -11.05
N TYR A 153 -19.42 0.80 -10.71
CA TYR A 153 -19.00 -0.40 -11.40
C TYR A 153 -19.25 -0.24 -12.89
N ALA A 154 -18.24 -0.48 -13.71
CA ALA A 154 -18.32 -0.11 -15.13
C ALA A 154 -17.26 -0.76 -16.04
N ASN A 155 -17.70 -1.23 -17.19
CA ASN A 155 -16.76 -1.82 -18.15
C ASN A 155 -15.78 -0.81 -18.74
N SER A 156 -16.21 0.44 -18.95
CA SER A 156 -15.38 1.40 -19.64
C SER A 156 -14.22 1.85 -18.76
N SER A 157 -14.33 1.61 -17.47
CA SER A 157 -13.30 1.98 -16.52
C SER A 157 -12.18 0.92 -16.48
N ILE A 158 -12.51 -0.28 -16.00
CA ILE A 158 -11.48 -1.32 -15.89
C ILE A 158 -11.04 -1.78 -17.27
N GLY A 159 -11.92 -1.66 -18.26
CA GLY A 159 -11.56 -1.95 -19.64
C GLY A 159 -10.38 -1.10 -20.07
N LEU A 160 -10.45 0.21 -19.82
CA LEU A 160 -9.34 1.08 -20.20
C LEU A 160 -8.10 0.77 -19.36
N PHE A 161 -8.29 0.49 -18.07
CA PHE A 161 -7.17 0.10 -17.22
C PHE A 161 -6.38 -1.04 -17.85
N GLY A 162 -7.06 -2.10 -18.28
CA GLY A 162 -6.37 -3.23 -18.86
C GLY A 162 -5.59 -2.85 -20.11
N ALA A 163 -6.19 -2.03 -20.96
CA ALA A 163 -5.52 -1.66 -22.21
C ALA A 163 -4.26 -0.81 -21.93
N LEU A 164 -4.35 0.08 -20.94
CA LEU A 164 -3.21 0.91 -20.62
C LEU A 164 -2.13 0.13 -19.86
N ALA A 165 -2.55 -0.79 -19.00
CA ALA A 165 -1.62 -1.51 -18.13
C ALA A 165 -0.60 -2.32 -18.92
N VAL A 166 -1.00 -2.76 -20.10
CA VAL A 166 -0.13 -3.61 -20.91
C VAL A 166 0.75 -2.84 -21.89
N LYS A 167 0.57 -1.53 -21.98
CA LYS A 167 1.38 -0.75 -22.92
C LYS A 167 2.90 -0.86 -22.73
N PRO A 168 3.41 -0.75 -21.48
CA PRO A 168 4.86 -0.90 -21.32
C PRO A 168 5.45 -2.27 -21.71
N SER A 169 4.62 -3.31 -21.75
CA SER A 169 5.07 -4.66 -22.09
C SER A 169 5.43 -4.76 -23.58
N GLY A 170 4.86 -3.89 -24.39
CA GLY A 170 5.02 -3.95 -25.83
C GLY A 170 4.10 -4.96 -26.51
N LEU A 171 3.38 -5.74 -25.68
CA LEU A 171 2.42 -6.72 -26.19
C LEU A 171 0.99 -6.20 -26.28
N SER A 172 0.17 -6.86 -27.10
CA SER A 172 -1.26 -6.61 -27.09
C SER A 172 -1.82 -7.13 -25.79
N PHE A 173 -3.03 -6.70 -25.43
CA PHE A 173 -3.64 -7.18 -24.19
C PHE A 173 -3.76 -8.70 -24.23
N GLU A 174 -4.21 -9.25 -25.35
CA GLU A 174 -4.33 -10.70 -25.44
C GLU A 174 -2.97 -11.43 -25.29
N GLN A 175 -1.94 -10.92 -25.96
CA GLN A 175 -0.61 -11.51 -25.85
C GLN A 175 -0.05 -11.45 -24.42
N ALA A 176 -0.24 -10.29 -23.78
CA ALA A 176 0.19 -10.13 -22.40
C ALA A 176 -0.56 -11.11 -21.50
N MET A 177 -1.89 -11.20 -21.68
CA MET A 177 -2.67 -12.09 -20.82
C MET A 177 -2.26 -13.55 -21.03
N GLN A 178 -2.12 -13.96 -22.30
CA GLN A 178 -1.75 -15.32 -22.62
C GLN A 178 -0.39 -15.69 -22.01
N THR A 179 0.60 -14.83 -22.22
CA THR A 179 1.98 -15.15 -21.84
C THR A 179 2.27 -14.94 -20.36
N ARG A 180 1.60 -13.97 -19.75
CA ARG A 180 1.91 -13.59 -18.36
C ARG A 180 0.97 -14.14 -17.31
N VAL A 181 -0.20 -14.60 -17.72
CA VAL A 181 -1.18 -15.12 -16.77
C VAL A 181 -1.66 -16.53 -17.14
N PHE A 182 -2.23 -16.70 -18.34
CA PHE A 182 -2.78 -18.02 -18.73
C PHE A 182 -1.69 -19.10 -18.75
N GLN A 183 -0.61 -18.86 -19.51
CA GLN A 183 0.42 -19.87 -19.66
C GLN A 183 1.17 -20.27 -18.37
N PRO A 184 1.60 -19.28 -17.57
CA PRO A 184 2.28 -19.67 -16.32
C PRO A 184 1.41 -20.50 -15.37
N LEU A 185 0.09 -20.30 -15.43
CA LEU A 185 -0.82 -21.03 -14.55
C LEU A 185 -1.40 -22.28 -15.18
N LYS A 186 -0.91 -22.61 -16.38
CA LYS A 186 -1.36 -23.79 -17.12
C LYS A 186 -2.85 -23.75 -17.38
N LEU A 187 -3.35 -22.57 -17.71
CA LEU A 187 -4.74 -22.44 -18.13
C LEU A 187 -4.78 -22.59 -19.64
N ASN A 188 -4.74 -23.84 -20.09
CA ASN A 188 -4.51 -24.15 -21.50
C ASN A 188 -5.78 -24.25 -22.31
N HIS A 189 -6.91 -24.04 -21.62
CA HIS A 189 -8.21 -24.07 -22.25
C HIS A 189 -9.01 -22.85 -21.82
N THR A 190 -8.30 -21.73 -21.77
CA THR A 190 -8.89 -20.45 -21.38
C THR A 190 -8.54 -19.46 -22.48
N TRP A 191 -9.56 -18.78 -22.98
CA TRP A 191 -9.40 -18.01 -24.22
C TRP A 191 -10.10 -16.67 -24.20
N ILE A 192 -9.41 -15.64 -24.68
CA ILE A 192 -10.07 -14.39 -25.04
C ILE A 192 -10.76 -14.57 -26.40
N ASN A 193 -10.07 -15.19 -27.34
CA ASN A 193 -10.65 -15.60 -28.61
C ASN A 193 -10.49 -17.11 -28.74
N VAL A 194 -11.61 -17.82 -28.80
CA VAL A 194 -11.60 -19.28 -28.92
C VAL A 194 -11.10 -19.67 -30.31
N PRO A 195 -10.00 -20.44 -30.37
CA PRO A 195 -9.41 -20.85 -31.65
C PRO A 195 -10.38 -21.80 -32.32
N PRO A 196 -10.52 -21.72 -33.64
CA PRO A 196 -11.41 -22.62 -34.39
C PRO A 196 -11.31 -24.11 -34.01
N PRO A 197 -10.10 -24.66 -33.81
CA PRO A 197 -10.08 -26.09 -33.45
C PRO A 197 -10.74 -26.41 -32.12
N GLU A 198 -10.95 -25.41 -31.27
CA GLU A 198 -11.53 -25.62 -29.95
C GLU A 198 -13.03 -25.36 -29.92
N GLU A 199 -13.57 -24.87 -31.04
CA GLU A 199 -14.96 -24.42 -31.09
C GLU A 199 -16.02 -25.44 -30.70
N LYS A 200 -15.72 -26.73 -30.89
CA LYS A 200 -16.70 -27.78 -30.62
C LYS A 200 -17.04 -27.88 -29.13
N ASN A 201 -16.15 -27.40 -28.29
CA ASN A 201 -16.37 -27.42 -26.84
C ASN A 201 -17.01 -26.14 -26.29
N TYR A 202 -17.22 -25.15 -27.16
CA TYR A 202 -17.79 -23.86 -26.75
C TYR A 202 -19.30 -23.98 -26.62
N ALA A 203 -19.80 -23.94 -25.37
CA ALA A 203 -21.24 -24.05 -25.13
C ALA A 203 -21.94 -22.90 -25.81
N TRP A 204 -23.18 -23.12 -26.23
CA TRP A 204 -24.04 -22.00 -26.59
C TRP A 204 -24.65 -21.45 -25.32
N GLY A 205 -24.87 -20.15 -25.30
CA GLY A 205 -25.58 -19.51 -24.21
C GLY A 205 -27.05 -19.44 -24.59
N TYR A 206 -27.93 -19.35 -23.61
CA TYR A 206 -29.36 -19.29 -23.90
C TYR A 206 -30.08 -18.13 -23.25
N ARG A 207 -30.70 -17.30 -24.09
CA ARG A 207 -31.43 -16.13 -23.63
C ARG A 207 -32.83 -16.17 -24.26
N GLU A 208 -33.85 -16.31 -23.43
CA GLU A 208 -35.21 -16.51 -23.89
C GLU A 208 -35.28 -17.68 -24.87
N GLY A 209 -34.59 -18.77 -24.52
CA GLY A 209 -34.58 -19.99 -25.33
C GLY A 209 -33.74 -19.94 -26.58
N LYS A 210 -33.19 -18.77 -26.90
CA LYS A 210 -32.44 -18.55 -28.12
C LYS A 210 -30.92 -18.76 -27.92
N ALA A 211 -30.26 -19.42 -28.86
CA ALA A 211 -28.83 -19.67 -28.76
C ALA A 211 -28.06 -18.38 -29.07
N VAL A 212 -27.15 -18.01 -28.17
CA VAL A 212 -26.42 -16.74 -28.32
C VAL A 212 -24.98 -16.87 -27.84
N HIS A 213 -24.10 -16.10 -28.48
CA HIS A 213 -22.75 -15.90 -27.96
C HIS A 213 -22.53 -14.41 -27.86
N VAL A 214 -21.65 -14.00 -26.96
CA VAL A 214 -21.34 -12.58 -26.76
C VAL A 214 -20.83 -11.93 -28.05
N SER A 215 -21.31 -10.71 -28.34
CA SER A 215 -20.92 -9.96 -29.53
C SER A 215 -19.62 -9.19 -29.26
N PRO A 216 -18.80 -8.96 -30.30
CA PRO A 216 -17.61 -8.10 -30.19
C PRO A 216 -17.98 -6.69 -29.75
N GLY A 217 -17.16 -6.09 -28.89
CA GLY A 217 -17.42 -4.75 -28.42
C GLY A 217 -16.10 -4.17 -27.98
N ALA A 218 -16.00 -2.84 -27.95
CA ALA A 218 -14.74 -2.20 -27.55
C ALA A 218 -14.33 -2.61 -26.14
N LEU A 219 -13.06 -2.92 -25.94
CA LEU A 219 -12.51 -3.31 -24.62
C LEU A 219 -13.16 -4.58 -24.04
N ASP A 220 -13.73 -5.40 -24.93
CA ASP A 220 -14.36 -6.64 -24.49
C ASP A 220 -13.35 -7.60 -23.84
N ALA A 221 -12.18 -7.80 -24.44
CA ALA A 221 -11.17 -8.67 -23.86
C ALA A 221 -10.88 -8.32 -22.40
N GLU A 222 -10.77 -7.02 -22.14
CA GLU A 222 -10.39 -6.50 -20.82
C GLU A 222 -11.52 -6.59 -19.81
N ALA A 223 -12.74 -6.38 -20.27
CA ALA A 223 -13.85 -6.23 -19.34
C ALA A 223 -14.75 -7.47 -19.20
N TYR A 224 -14.87 -8.28 -20.24
CA TYR A 224 -15.85 -9.36 -20.19
C TYR A 224 -15.71 -10.51 -21.19
N GLY A 225 -14.57 -10.61 -21.87
CA GLY A 225 -14.51 -11.48 -23.03
C GLY A 225 -13.86 -12.87 -22.88
N VAL A 226 -13.52 -13.28 -21.65
CA VAL A 226 -12.82 -14.55 -21.47
C VAL A 226 -13.80 -15.72 -21.45
N LYS A 227 -13.40 -16.83 -22.05
CA LYS A 227 -14.15 -18.09 -22.02
C LYS A 227 -13.23 -19.14 -21.41
N SER A 228 -13.77 -20.06 -20.60
CA SER A 228 -12.92 -21.02 -19.90
C SER A 228 -13.70 -22.27 -19.52
N THR A 229 -12.97 -23.31 -19.12
CA THR A 229 -13.59 -24.56 -18.67
C THR A 229 -13.71 -24.60 -17.15
N ILE A 230 -14.48 -25.55 -16.64
CA ILE A 230 -14.58 -25.70 -15.21
C ILE A 230 -13.23 -26.10 -14.59
N GLU A 231 -12.40 -26.84 -15.33
CA GLU A 231 -11.08 -27.26 -14.83
C GLU A 231 -10.12 -26.08 -14.75
N ASP A 232 -10.06 -25.27 -15.80
CA ASP A 232 -9.22 -24.08 -15.75
C ASP A 232 -9.69 -23.10 -14.68
N MET A 233 -11.00 -22.94 -14.52
CA MET A 233 -11.48 -22.00 -13.51
C MET A 233 -11.19 -22.49 -12.09
N ALA A 234 -11.29 -23.80 -11.85
CA ALA A 234 -10.83 -24.36 -10.58
C ALA A 234 -9.34 -24.03 -10.34
N ARG A 235 -8.51 -24.21 -11.38
CA ARG A 235 -7.09 -23.89 -11.31
C ARG A 235 -6.86 -22.40 -11.03
N TRP A 236 -7.66 -21.55 -11.68
CA TRP A 236 -7.60 -20.10 -11.43
C TRP A 236 -7.89 -19.79 -9.96
N VAL A 237 -8.97 -20.36 -9.43
CA VAL A 237 -9.30 -20.13 -8.02
C VAL A 237 -8.18 -20.60 -7.11
N ARG A 238 -7.68 -21.80 -7.35
CA ARG A 238 -6.57 -22.33 -6.57
C ARG A 238 -5.34 -21.43 -6.59
N SER A 239 -5.02 -20.90 -7.76
CA SER A 239 -3.88 -19.99 -7.91
C SER A 239 -4.07 -18.69 -7.12
N ASN A 240 -5.31 -18.21 -7.05
CA ASN A 240 -5.57 -16.98 -6.33
C ASN A 240 -5.70 -17.19 -4.85
N MET A 241 -5.94 -18.43 -4.46
CA MET A 241 -6.07 -18.72 -3.04
C MET A 241 -4.71 -18.91 -2.41
N ASN A 242 -3.81 -19.57 -3.13
CA ASN A 242 -2.46 -19.77 -2.64
C ASN A 242 -1.36 -19.36 -3.63
N PRO A 243 -1.22 -18.04 -3.89
CA PRO A 243 -0.26 -17.49 -4.85
C PRO A 243 1.18 -17.82 -4.46
N ARG A 244 1.42 -18.02 -3.17
CA ARG A 244 2.77 -18.36 -2.72
C ARG A 244 3.20 -19.75 -3.19
N ASP A 245 2.27 -20.50 -3.79
CA ASP A 245 2.56 -21.80 -4.36
C ASP A 245 3.00 -21.71 -5.84
N ILE A 246 3.03 -20.48 -6.37
CA ILE A 246 3.46 -20.23 -7.75
C ILE A 246 4.92 -19.81 -7.86
N ASN A 247 5.68 -20.53 -8.69
CA ASN A 247 7.10 -20.27 -8.91
C ASN A 247 7.33 -19.27 -10.04
N ASP A 248 6.70 -18.11 -9.94
CA ASP A 248 6.81 -17.06 -10.94
C ASP A 248 6.61 -15.79 -10.17
N LYS A 249 7.70 -15.08 -9.89
CA LYS A 249 7.70 -14.04 -8.88
C LYS A 249 6.73 -12.91 -9.13
N THR A 250 6.78 -12.28 -10.30
CA THR A 250 5.94 -11.11 -10.53
C THR A 250 4.46 -11.51 -10.58
N LEU A 251 4.18 -12.71 -11.07
CA LEU A 251 2.79 -13.15 -11.14
C LEU A 251 2.26 -13.41 -9.73
N GLN A 252 3.07 -14.06 -8.90
CA GLN A 252 2.67 -14.27 -7.51
C GLN A 252 2.37 -12.93 -6.85
N GLN A 253 3.27 -11.98 -7.03
CA GLN A 253 3.10 -10.66 -6.45
C GLN A 253 1.83 -9.96 -6.98
N GLY A 254 1.58 -10.11 -8.28
CA GLY A 254 0.42 -9.51 -8.91
C GLY A 254 -0.87 -10.08 -8.35
N ILE A 255 -0.91 -11.39 -8.13
CA ILE A 255 -2.10 -12.03 -7.56
C ILE A 255 -2.34 -11.44 -6.16
N GLN A 256 -1.28 -11.28 -5.38
CA GLN A 256 -1.44 -10.68 -4.08
C GLN A 256 -1.96 -9.25 -4.15
N LEU A 257 -1.43 -8.45 -5.09
CA LEU A 257 -1.84 -7.05 -5.22
C LEU A 257 -3.31 -6.93 -5.62
N ALA A 258 -3.84 -7.95 -6.30
CA ALA A 258 -5.23 -7.89 -6.77
C ALA A 258 -6.19 -8.12 -5.63
N GLN A 259 -5.70 -8.69 -4.54
CA GLN A 259 -6.52 -8.84 -3.32
C GLN A 259 -6.18 -7.83 -2.23
N SER A 260 -5.31 -6.86 -2.54
CA SER A 260 -5.15 -5.71 -1.66
C SER A 260 -6.47 -4.95 -1.56
N ARG A 261 -6.75 -4.37 -0.41
CA ARG A 261 -7.99 -3.64 -0.24
C ARG A 261 -7.77 -2.14 -0.43
N TYR A 262 -8.12 -1.63 -1.62
CA TYR A 262 -7.84 -0.25 -1.99
C TYR A 262 -8.89 0.74 -1.53
N TRP A 263 -10.15 0.32 -1.53
CA TRP A 263 -11.27 1.17 -1.12
C TRP A 263 -12.24 0.35 -0.32
N GLN A 264 -13.00 1.02 0.54
CA GLN A 264 -14.10 0.38 1.23
C GLN A 264 -15.42 1.06 0.85
N THR A 265 -16.42 0.24 0.55
CA THR A 265 -17.78 0.71 0.33
C THR A 265 -18.73 -0.21 1.09
N GLY A 266 -19.31 0.32 2.16
CA GLY A 266 -20.11 -0.50 3.06
C GLY A 266 -19.33 -1.68 3.61
N ASP A 267 -19.81 -2.88 3.33
CA ASP A 267 -19.22 -4.11 3.83
C ASP A 267 -18.14 -4.68 2.92
N MET A 268 -17.96 -4.08 1.75
CA MET A 268 -17.05 -4.69 0.80
C MET A 268 -15.82 -3.85 0.55
N TYR A 269 -14.80 -4.52 0.04
CA TYR A 269 -13.54 -3.88 -0.25
C TYR A 269 -13.22 -4.19 -1.70
N GLN A 270 -12.76 -3.18 -2.41
CA GLN A 270 -12.43 -3.30 -3.82
C GLN A 270 -10.94 -3.63 -4.03
N GLY A 271 -10.67 -4.77 -4.66
CA GLY A 271 -9.33 -5.10 -5.10
C GLY A 271 -9.19 -4.76 -6.58
N LEU A 272 -8.26 -5.44 -7.26
CA LEU A 272 -8.15 -5.31 -8.73
C LEU A 272 -8.93 -6.47 -9.34
N GLY A 273 -10.14 -6.16 -9.81
CA GLY A 273 -11.02 -7.19 -10.32
C GLY A 273 -11.76 -7.93 -9.21
N TRP A 274 -11.01 -8.58 -8.32
CA TRP A 274 -11.61 -9.21 -7.15
C TRP A 274 -12.28 -8.20 -6.23
N GLU A 275 -13.34 -8.67 -5.57
CA GLU A 275 -14.00 -7.91 -4.51
C GLU A 275 -13.95 -8.79 -3.26
N MET A 276 -13.90 -8.17 -2.07
CA MET A 276 -13.65 -8.91 -0.85
C MET A 276 -14.54 -8.43 0.28
N LEU A 277 -14.92 -9.38 1.14
CA LEU A 277 -15.59 -9.07 2.40
C LEU A 277 -14.90 -9.89 3.49
N ASP A 278 -14.99 -9.41 4.73
CA ASP A 278 -14.43 -10.16 5.84
C ASP A 278 -15.20 -11.45 6.07
N TRP A 279 -14.46 -12.55 6.27
CA TRP A 279 -15.06 -13.82 6.65
C TRP A 279 -14.96 -13.96 8.16
N PRO A 280 -16.06 -14.38 8.81
CA PRO A 280 -17.32 -14.85 8.21
C PRO A 280 -18.22 -13.71 7.74
N VAL A 281 -18.94 -13.95 6.66
CA VAL A 281 -19.85 -12.96 6.09
C VAL A 281 -21.26 -13.29 6.44
N ASN A 282 -22.10 -12.27 6.51
CA ASN A 282 -23.53 -12.46 6.53
C ASN A 282 -24.01 -12.70 5.11
N PRO A 283 -24.59 -13.89 4.84
CA PRO A 283 -25.06 -14.26 3.50
C PRO A 283 -25.95 -13.20 2.85
N ASP A 284 -26.60 -12.39 3.67
CA ASP A 284 -27.49 -11.33 3.18
C ASP A 284 -26.72 -10.06 2.87
N SER A 285 -25.45 -10.02 3.26
CA SER A 285 -24.63 -8.84 3.02
C SER A 285 -23.93 -8.92 1.66
N ILE A 286 -23.93 -10.12 1.06
CA ILE A 286 -23.32 -10.32 -0.24
C ILE A 286 -24.33 -10.06 -1.36
N ALA A 299 -25.94 1.15 -8.53
CA ALA A 299 -25.80 2.60 -8.42
C ALA A 299 -24.44 2.96 -7.84
N ALA A 300 -24.05 4.22 -7.99
CA ALA A 300 -22.78 4.67 -7.43
C ALA A 300 -22.83 4.77 -5.90
N HIS A 301 -21.70 4.50 -5.25
CA HIS A 301 -21.59 4.63 -3.79
C HIS A 301 -20.27 5.28 -3.43
N PRO A 302 -20.24 6.05 -2.34
CA PRO A 302 -19.00 6.74 -1.96
C PRO A 302 -17.93 5.74 -1.53
N VAL A 303 -16.67 6.08 -1.79
CA VAL A 303 -15.58 5.21 -1.33
C VAL A 303 -14.69 5.95 -0.37
N LYS A 304 -14.08 5.20 0.54
CA LYS A 304 -13.02 5.72 1.38
C LYS A 304 -11.75 4.99 1.01
N ALA A 305 -10.66 5.74 0.79
CA ALA A 305 -9.35 5.15 0.52
C ALA A 305 -8.87 4.42 1.77
N ILE A 306 -8.24 3.27 1.58
CA ILE A 306 -7.63 2.55 2.68
C ILE A 306 -6.12 2.76 2.53
N THR A 307 -5.51 3.33 3.57
CA THR A 307 -4.13 3.76 3.49
C THR A 307 -3.37 3.20 4.68
N PRO A 308 -2.35 2.37 4.43
CA PRO A 308 -1.98 1.83 3.12
C PRO A 308 -3.06 0.83 2.72
N PRO A 309 -3.15 0.45 1.44
CA PRO A 309 -4.13 -0.59 1.11
C PRO A 309 -3.85 -1.85 1.92
N THR A 310 -4.88 -2.48 2.46
CA THR A 310 -4.67 -3.60 3.35
C THR A 310 -4.10 -4.77 2.54
N PRO A 311 -2.96 -5.34 2.99
CA PRO A 311 -2.42 -6.51 2.32
C PRO A 311 -3.47 -7.61 2.32
N ALA A 312 -3.51 -8.41 1.26
CA ALA A 312 -4.53 -9.44 1.12
C ALA A 312 -4.80 -10.15 2.43
N VAL A 313 -6.07 -10.10 2.86
CA VAL A 313 -6.54 -10.72 4.08
C VAL A 313 -7.01 -12.15 3.80
N ARG A 314 -6.36 -13.14 4.40
CA ARG A 314 -6.70 -14.52 4.08
C ARG A 314 -8.09 -14.92 4.58
N ALA A 315 -8.52 -14.30 5.68
CA ALA A 315 -9.87 -14.53 6.19
C ALA A 315 -10.88 -13.62 5.49
N SER A 316 -11.06 -13.84 4.18
CA SER A 316 -11.97 -13.03 3.38
C SER A 316 -12.87 -13.92 2.56
N TRP A 317 -14.05 -13.42 2.24
CA TRP A 317 -14.83 -13.97 1.13
C TRP A 317 -14.36 -13.18 -0.10
N VAL A 318 -13.64 -13.83 -1.00
CA VAL A 318 -13.15 -13.17 -2.21
C VAL A 318 -14.00 -13.67 -3.38
N HIS A 319 -14.56 -12.76 -4.16
CA HIS A 319 -15.50 -13.22 -5.18
C HIS A 319 -15.64 -12.29 -6.35
N LYS A 320 -16.30 -12.80 -7.39
CA LYS A 320 -16.68 -11.98 -8.52
C LYS A 320 -17.79 -12.68 -9.31
N THR A 321 -18.83 -11.91 -9.64
CA THR A 321 -19.90 -12.39 -10.50
C THR A 321 -19.68 -11.95 -11.94
N GLY A 322 -20.30 -12.65 -12.89
CA GLY A 322 -20.19 -12.23 -14.27
C GLY A 322 -21.35 -12.75 -15.10
N ALA A 323 -21.73 -11.99 -16.13
CA ALA A 323 -22.81 -12.39 -17.02
C ALA A 323 -22.52 -11.94 -18.44
N THR A 324 -23.04 -12.71 -19.38
CA THR A 324 -23.22 -12.24 -20.74
C THR A 324 -24.70 -12.47 -21.07
N GLY A 325 -25.10 -12.23 -22.31
CA GLY A 325 -26.50 -12.40 -22.64
C GLY A 325 -26.97 -13.81 -22.36
N GLY A 326 -26.08 -14.79 -22.58
CA GLY A 326 -26.46 -16.18 -22.49
C GLY A 326 -25.84 -17.00 -21.37
N PHE A 327 -25.01 -16.36 -20.53
CA PHE A 327 -24.27 -17.09 -19.51
C PHE A 327 -24.32 -16.40 -18.15
N GLY A 328 -24.28 -17.18 -17.08
CA GLY A 328 -24.16 -16.65 -15.72
C GLY A 328 -23.03 -17.35 -15.00
N SER A 329 -22.07 -16.56 -14.49
CA SER A 329 -20.90 -17.13 -13.83
C SER A 329 -20.69 -16.56 -12.43
N TYR A 330 -20.06 -17.35 -11.58
CA TYR A 330 -19.75 -16.94 -10.22
C TYR A 330 -18.55 -17.70 -9.68
N VAL A 331 -17.70 -16.96 -8.99
CA VAL A 331 -16.54 -17.52 -8.35
C VAL A 331 -16.44 -16.91 -6.95
N ALA A 332 -16.20 -17.75 -5.94
CA ALA A 332 -15.98 -17.26 -4.60
C ALA A 332 -15.02 -18.20 -3.88
N PHE A 333 -14.16 -17.64 -3.05
CA PHE A 333 -13.24 -18.45 -2.26
C PHE A 333 -12.85 -17.76 -0.95
N ILE A 334 -12.41 -18.58 0.01
CA ILE A 334 -12.00 -18.14 1.32
C ILE A 334 -10.61 -18.69 1.58
N PRO A 335 -9.57 -17.86 1.38
CA PRO A 335 -8.20 -18.37 1.42
C PRO A 335 -7.81 -19.05 2.72
N GLU A 336 -8.30 -18.54 3.85
CA GLU A 336 -7.92 -19.05 5.17
C GLU A 336 -8.32 -20.52 5.30
N LYS A 337 -9.35 -20.91 4.55
CA LYS A 337 -9.99 -22.21 4.74
C LYS A 337 -9.76 -23.17 3.59
N GLU A 338 -9.00 -22.74 2.59
CA GLU A 338 -8.72 -23.56 1.41
C GLU A 338 -10.00 -23.99 0.73
N LEU A 339 -11.01 -23.12 0.75
CA LEU A 339 -12.35 -23.43 0.29
C LEU A 339 -12.74 -22.49 -0.83
N GLY A 340 -13.26 -23.04 -1.93
CA GLY A 340 -13.68 -22.20 -3.05
C GLY A 340 -14.74 -22.87 -3.90
N ILE A 341 -15.37 -22.10 -4.78
CA ILE A 341 -16.35 -22.67 -5.69
C ILE A 341 -16.36 -21.89 -6.99
N VAL A 342 -16.57 -22.61 -8.10
CA VAL A 342 -16.83 -21.99 -9.39
C VAL A 342 -18.17 -22.52 -9.89
N MET A 343 -19.03 -21.63 -10.36
CA MET A 343 -20.31 -22.03 -10.91
C MET A 343 -20.47 -21.40 -12.28
N LEU A 344 -20.54 -22.24 -13.31
CA LEU A 344 -20.66 -21.76 -14.69
C LEU A 344 -21.91 -22.32 -15.31
N ALA A 345 -22.75 -21.44 -15.85
CA ALA A 345 -24.00 -21.86 -16.48
C ALA A 345 -24.22 -21.17 -17.82
N ASN A 346 -24.85 -21.87 -18.77
CA ASN A 346 -25.20 -21.25 -20.03
C ASN A 346 -26.62 -20.68 -20.07
N LYS A 347 -26.99 -20.05 -18.97
CA LYS A 347 -28.11 -19.13 -18.90
C LYS A 347 -27.76 -18.06 -17.87
N ASN A 348 -28.09 -16.81 -18.20
CA ASN A 348 -27.97 -15.69 -17.28
C ASN A 348 -29.13 -15.65 -16.29
N TYR A 349 -28.86 -16.10 -15.06
CA TYR A 349 -29.89 -16.16 -14.02
C TYR A 349 -29.47 -15.24 -12.87
N PRO A 350 -30.43 -14.81 -12.03
CA PRO A 350 -30.16 -13.74 -11.06
C PRO A 350 -28.99 -14.00 -10.12
N ASN A 351 -28.18 -12.97 -9.93
CA ASN A 351 -27.02 -13.07 -9.06
C ASN A 351 -27.28 -13.53 -7.60
N PRO A 352 -28.38 -13.07 -6.97
CA PRO A 352 -28.63 -13.53 -5.60
C PRO A 352 -28.73 -15.05 -5.50
N ALA A 353 -29.25 -15.69 -6.55
CA ALA A 353 -29.38 -17.13 -6.56
C ALA A 353 -28.01 -17.79 -6.62
N ARG A 354 -27.10 -17.19 -7.38
CA ARG A 354 -25.75 -17.71 -7.48
C ARG A 354 -25.06 -17.64 -6.14
N VAL A 355 -25.14 -16.47 -5.51
CA VAL A 355 -24.45 -16.23 -4.27
C VAL A 355 -25.03 -17.09 -3.15
N ALA A 356 -26.35 -17.24 -3.14
CA ALA A 356 -27.00 -18.05 -2.11
C ALA A 356 -26.55 -19.51 -2.17
N ALA A 357 -26.45 -20.04 -3.38
CA ALA A 357 -26.04 -21.42 -3.58
C ALA A 357 -24.58 -21.58 -3.18
N ALA A 358 -23.74 -20.65 -3.61
CA ALA A 358 -22.33 -20.68 -3.28
C ALA A 358 -22.09 -20.61 -1.77
N TRP A 359 -22.80 -19.69 -1.12
CA TRP A 359 -22.64 -19.54 0.32
C TRP A 359 -23.13 -20.80 1.05
N GLN A 360 -24.25 -21.36 0.61
CA GLN A 360 -24.76 -22.58 1.26
C GLN A 360 -23.72 -23.71 1.19
N ILE A 361 -23.09 -23.86 0.04
CA ILE A 361 -22.12 -24.93 -0.17
C ILE A 361 -20.84 -24.73 0.64
N LEU A 362 -20.29 -23.52 0.61
CA LEU A 362 -19.05 -23.28 1.34
C LEU A 362 -19.30 -23.28 2.85
N ASN A 363 -20.40 -22.68 3.28
CA ASN A 363 -20.74 -22.65 4.70
C ASN A 363 -20.87 -24.06 5.29
N ALA A 364 -21.37 -24.99 4.48
CA ALA A 364 -21.51 -26.38 4.92
C ALA A 364 -20.18 -27.15 4.99
N LEU A 365 -19.15 -26.64 4.33
CA LEU A 365 -17.89 -27.37 4.22
C LEU A 365 -16.77 -26.77 5.06
N GLN A 366 -17.06 -25.67 5.75
CA GLN A 366 -16.05 -25.00 6.55
C GLN A 366 -15.87 -25.68 7.90
N ILE B 11 37.76 4.05 4.26
CA ILE B 11 36.70 4.72 5.01
C ILE B 11 37.25 5.80 5.93
N ASN B 12 38.24 5.46 6.74
CA ASN B 12 38.83 6.41 7.68
C ASN B 12 39.39 7.63 7.00
N ASP B 13 39.85 7.46 5.76
CA ASP B 13 40.44 8.55 5.01
C ASP B 13 39.42 9.63 4.70
N ILE B 14 38.33 9.25 4.04
CA ILE B 14 37.31 10.23 3.66
C ILE B 14 36.62 10.82 4.91
N VAL B 15 36.40 9.98 5.91
CA VAL B 15 35.81 10.46 7.17
C VAL B 15 36.67 11.55 7.80
N HIS B 16 37.96 11.26 8.00
CA HIS B 16 38.88 12.26 8.55
C HIS B 16 38.93 13.50 7.66
N ARG B 17 39.09 13.28 6.36
CA ARG B 17 39.23 14.38 5.42
C ARG B 17 37.98 15.25 5.40
N THR B 18 36.84 14.67 5.75
CA THR B 18 35.58 15.41 5.71
C THR B 18 35.18 15.98 7.07
N ILE B 19 35.27 15.15 8.11
CA ILE B 19 34.78 15.55 9.42
C ILE B 19 35.70 16.55 10.12
N THR B 20 37.01 16.35 10.01
CA THR B 20 37.98 17.25 10.63
C THR B 20 37.80 18.74 10.24
N PRO B 21 37.64 19.04 8.94
CA PRO B 21 37.40 20.45 8.58
C PRO B 21 36.03 20.93 9.01
N LEU B 22 35.05 20.02 9.02
CA LEU B 22 33.72 20.36 9.46
C LEU B 22 33.77 20.82 10.92
N ILE B 23 34.44 20.03 11.74
CA ILE B 23 34.53 20.30 13.19
C ILE B 23 35.25 21.63 13.43
N GLU B 24 36.28 21.88 12.62
CA GLU B 24 37.05 23.11 12.68
C GLU B 24 36.19 24.31 12.27
N GLN B 25 35.50 24.19 11.14
CA GLN B 25 34.68 25.29 10.65
C GLN B 25 33.52 25.63 11.57
N GLN B 26 32.87 24.60 12.11
CA GLN B 26 31.67 24.76 12.91
C GLN B 26 31.97 24.87 14.41
N LYS B 27 33.23 24.66 14.78
CA LYS B 27 33.65 24.68 16.20
C LYS B 27 32.81 23.72 17.04
N ILE B 28 32.74 22.47 16.58
CA ILE B 28 31.96 21.44 17.25
C ILE B 28 32.80 20.82 18.38
N PRO B 29 32.29 20.91 19.63
CA PRO B 29 33.02 20.47 20.82
C PRO B 29 33.26 18.96 20.85
N GLY B 30 32.28 18.20 20.36
CA GLY B 30 32.36 16.74 20.40
C GLY B 30 31.47 16.14 19.33
N MET B 31 31.86 14.98 18.82
CA MET B 31 31.15 14.43 17.67
C MET B 31 31.32 12.92 17.58
N ALA B 32 30.27 12.23 17.13
CA ALA B 32 30.37 10.82 16.84
C ALA B 32 29.76 10.54 15.46
N VAL B 33 30.44 9.71 14.69
CA VAL B 33 30.00 9.39 13.34
C VAL B 33 30.07 7.89 13.16
N ALA B 34 29.03 7.32 12.55
CA ALA B 34 29.05 5.93 12.16
C ALA B 34 28.84 5.85 10.65
N VAL B 35 29.69 5.09 9.97
CA VAL B 35 29.45 4.79 8.57
C VAL B 35 29.04 3.34 8.48
N ILE B 36 27.92 3.10 7.80
CA ILE B 36 27.50 1.74 7.50
C ILE B 36 27.97 1.44 6.09
N TYR B 37 28.95 0.55 5.98
CA TYR B 37 29.52 0.17 4.70
C TYR B 37 29.35 -1.33 4.57
N GLN B 38 28.82 -1.76 3.42
CA GLN B 38 28.36 -3.13 3.25
C GLN B 38 27.37 -3.48 4.36
N GLY B 39 27.72 -4.45 5.19
CA GLY B 39 26.85 -4.84 6.28
C GLY B 39 27.44 -4.58 7.64
N LYS B 40 28.39 -3.65 7.71
CA LYS B 40 29.09 -3.41 8.96
C LYS B 40 29.20 -1.93 9.30
N PRO B 41 29.14 -1.60 10.60
CA PRO B 41 29.28 -0.24 11.12
C PRO B 41 30.74 0.12 11.39
N TYR B 42 31.12 1.35 11.07
CA TYR B 42 32.44 1.85 11.40
C TYR B 42 32.35 3.15 12.18
N TYR B 43 32.97 3.17 13.36
CA TYR B 43 32.76 4.25 14.31
C TYR B 43 33.93 5.21 14.42
N PHE B 44 33.62 6.48 14.60
CA PHE B 44 34.62 7.52 14.78
C PHE B 44 34.11 8.48 15.85
N THR B 45 35.02 9.00 16.69
CA THR B 45 34.63 9.97 17.70
C THR B 45 35.66 11.09 17.82
N TRP B 46 35.20 12.29 18.18
CA TRP B 46 36.09 13.44 18.40
C TRP B 46 35.68 14.21 19.64
N GLY B 47 36.65 14.86 20.29
CA GLY B 47 36.32 15.91 21.26
C GLY B 47 35.66 15.46 22.55
N TYR B 48 34.83 16.33 23.11
CA TYR B 48 34.33 16.15 24.47
C TYR B 48 32.82 16.09 24.60
N ALA B 49 32.35 15.16 25.44
CA ALA B 49 30.97 15.14 25.90
C ALA B 49 30.73 16.25 26.93
N ASP B 50 31.74 16.50 27.76
CA ASP B 50 31.69 17.57 28.75
C ASP B 50 33.01 18.33 28.63
N ILE B 51 32.95 19.55 28.13
CA ILE B 51 34.16 20.34 27.89
C ILE B 51 34.93 20.65 29.18
N ALA B 52 34.22 21.18 30.16
CA ALA B 52 34.86 21.61 31.41
C ALA B 52 35.60 20.47 32.10
N LYS B 53 35.01 19.28 32.07
CA LYS B 53 35.59 18.11 32.72
C LYS B 53 36.48 17.29 31.79
N LYS B 54 36.64 17.75 30.55
CA LYS B 54 37.44 17.06 29.55
C LYS B 54 37.07 15.57 29.46
N GLN B 55 35.77 15.31 29.56
CA GLN B 55 35.24 13.97 29.39
C GLN B 55 35.07 13.73 27.89
N PRO B 56 35.78 12.74 27.35
CA PRO B 56 35.77 12.49 25.90
C PRO B 56 34.45 11.93 25.38
N VAL B 57 34.12 12.25 24.13
CA VAL B 57 33.05 11.52 23.45
C VAL B 57 33.52 10.09 23.26
N THR B 58 32.65 9.15 23.61
CA THR B 58 32.92 7.74 23.35
C THR B 58 31.78 7.14 22.55
N GLN B 59 31.88 5.85 22.24
CA GLN B 59 30.82 5.14 21.54
C GLN B 59 29.61 4.86 22.44
N GLN B 60 29.70 5.27 23.71
CA GLN B 60 28.60 5.07 24.65
C GLN B 60 27.99 6.39 25.09
N THR B 61 28.50 7.48 24.53
CA THR B 61 27.98 8.80 24.83
C THR B 61 26.58 8.95 24.25
N LEU B 62 25.67 9.48 25.06
CA LEU B 62 24.31 9.79 24.61
C LEU B 62 24.24 11.20 24.04
N PHE B 63 23.65 11.32 22.85
CA PHE B 63 23.41 12.59 22.19
C PHE B 63 21.90 12.79 22.04
N GLU B 64 21.43 14.04 22.11
CA GLU B 64 20.03 14.34 21.84
C GLU B 64 19.80 14.30 20.33
N LEU B 65 18.85 13.49 19.90
CA LEU B 65 18.59 13.27 18.47
C LEU B 65 17.76 14.37 17.85
N GLY B 66 17.06 15.15 18.68
CA GLY B 66 16.12 16.13 18.16
C GLY B 66 15.12 15.44 17.23
N SER B 67 14.85 16.08 16.09
CA SER B 67 13.84 15.56 15.15
C SER B 67 14.19 14.24 14.46
N VAL B 68 15.40 13.74 14.65
CA VAL B 68 15.67 12.37 14.18
C VAL B 68 14.78 11.40 14.97
N SER B 69 14.29 11.84 16.14
CA SER B 69 13.30 11.08 16.92
C SER B 69 12.04 10.78 16.10
N LYS B 70 11.69 11.66 15.16
CA LYS B 70 10.50 11.45 14.33
C LYS B 70 10.55 10.15 13.52
N THR B 71 11.77 9.67 13.22
CA THR B 71 11.90 8.41 12.51
C THR B 71 11.45 7.25 13.40
N PHE B 72 11.80 7.27 14.69
CA PHE B 72 11.29 6.29 15.63
C PHE B 72 9.77 6.35 15.74
N THR B 73 9.22 7.56 15.83
CA THR B 73 7.78 7.76 15.90
C THR B 73 7.10 7.20 14.66
N GLY B 74 7.70 7.46 13.50
CA GLY B 74 7.15 6.97 12.25
C GLY B 74 7.13 5.45 12.19
N VAL B 75 8.22 4.84 12.59
CA VAL B 75 8.31 3.38 12.59
C VAL B 75 7.36 2.77 13.62
N LEU B 76 7.29 3.38 14.81
CA LEU B 76 6.35 2.89 15.82
C LEU B 76 4.91 2.93 15.29
N GLY B 77 4.57 3.99 14.56
CA GLY B 77 3.28 4.06 13.87
C GLY B 77 3.11 2.97 12.83
N GLY B 78 4.14 2.76 12.02
CA GLY B 78 4.13 1.70 11.03
C GLY B 78 3.88 0.35 11.66
N ASP B 79 4.56 0.09 12.78
CA ASP B 79 4.37 -1.14 13.53
C ASP B 79 2.91 -1.31 14.00
N ALA B 80 2.28 -0.22 14.44
CA ALA B 80 0.88 -0.24 14.86
C ALA B 80 -0.05 -0.55 13.70
N ILE B 81 0.26 0.00 12.53
CA ILE B 81 -0.46 -0.37 11.31
C ILE B 81 -0.33 -1.85 11.03
N ALA B 82 0.90 -2.36 11.03
CA ALA B 82 1.14 -3.78 10.76
C ALA B 82 0.45 -4.69 11.78
N ARG B 83 0.28 -4.21 13.02
CA ARG B 83 -0.39 -4.98 14.06
C ARG B 83 -1.91 -4.95 13.90
N GLY B 84 -2.39 -4.14 12.97
CA GLY B 84 -3.81 -4.01 12.72
C GLY B 84 -4.52 -3.09 13.69
N GLU B 85 -3.75 -2.33 14.47
CA GLU B 85 -4.32 -1.47 15.51
C GLU B 85 -4.80 -0.13 14.98
N ILE B 86 -4.11 0.40 13.97
CA ILE B 86 -4.53 1.65 13.33
C ILE B 86 -4.38 1.57 11.82
N LYS B 87 -5.05 2.50 11.12
CA LYS B 87 -4.81 2.74 9.70
C LYS B 87 -4.58 4.22 9.51
N LEU B 88 -3.79 4.60 8.51
CA LEU B 88 -3.50 6.02 8.28
C LEU B 88 -4.75 6.73 7.79
N SER B 89 -5.64 5.95 7.19
CA SER B 89 -6.90 6.49 6.76
C SER B 89 -7.89 6.72 7.91
N ASP B 90 -7.54 6.37 9.14
CA ASP B 90 -8.42 6.58 10.29
C ASP B 90 -8.52 8.08 10.59
N PRO B 91 -9.72 8.57 10.91
CA PRO B 91 -9.81 9.96 11.39
C PRO B 91 -9.06 10.17 12.71
N ALA B 92 -8.42 11.32 12.87
CA ALA B 92 -7.74 11.62 14.12
C ALA B 92 -8.69 11.48 15.32
N THR B 93 -9.96 11.85 15.11
CA THR B 93 -10.96 11.80 16.17
C THR B 93 -11.33 10.39 16.63
N LYS B 94 -11.00 9.39 15.82
CA LYS B 94 -11.24 8.01 16.20
C LYS B 94 -10.57 7.69 17.54
N TYR B 95 -9.38 8.25 17.74
CA TYR B 95 -8.58 7.93 18.92
C TYR B 95 -8.55 9.06 19.95
N TRP B 96 -9.18 10.18 19.62
CA TRP B 96 -9.31 11.30 20.54
C TRP B 96 -10.72 11.85 20.38
N PRO B 97 -11.71 11.19 20.97
CA PRO B 97 -13.11 11.61 20.81
C PRO B 97 -13.39 13.01 21.35
N GLU B 98 -12.58 13.51 22.28
CA GLU B 98 -12.77 14.86 22.82
C GLU B 98 -12.38 15.93 21.83
N LEU B 99 -11.81 15.52 20.70
CA LEU B 99 -11.47 16.44 19.63
C LEU B 99 -12.73 16.66 18.79
N THR B 100 -13.66 17.46 19.32
CA THR B 100 -14.97 17.58 18.71
C THR B 100 -15.10 18.77 17.76
N ALA B 101 -14.11 19.65 17.74
CA ALA B 101 -14.18 20.85 16.91
C ALA B 101 -14.39 20.52 15.43
N LYS B 102 -15.06 21.43 14.73
CA LYS B 102 -15.50 21.22 13.36
C LYS B 102 -14.37 20.90 12.39
N GLN B 103 -13.27 21.63 12.52
CA GLN B 103 -12.18 21.57 11.56
C GLN B 103 -11.48 20.20 11.51
N TRP B 104 -11.73 19.37 12.51
CA TRP B 104 -11.11 18.05 12.57
C TRP B 104 -11.82 17.01 11.71
N ASN B 105 -12.98 17.37 11.18
CA ASN B 105 -13.66 16.49 10.23
C ASN B 105 -12.82 16.37 8.96
N GLY B 106 -12.43 15.14 8.63
CA GLY B 106 -11.67 14.94 7.42
C GLY B 106 -10.18 14.89 7.62
N ILE B 107 -9.72 15.16 8.85
CA ILE B 107 -8.29 15.06 9.16
C ILE B 107 -7.93 13.67 9.68
N THR B 108 -6.98 13.02 9.01
CA THR B 108 -6.68 11.64 9.33
C THR B 108 -5.30 11.49 9.98
N LEU B 109 -5.01 10.30 10.50
CA LEU B 109 -3.67 9.98 10.97
C LEU B 109 -2.63 10.20 9.88
N LEU B 110 -2.95 9.88 8.63
CA LEU B 110 -2.04 10.18 7.51
C LEU B 110 -1.62 11.65 7.54
N HIS B 111 -2.61 12.53 7.64
CA HIS B 111 -2.34 13.97 7.63
C HIS B 111 -1.44 14.37 8.78
N LEU B 112 -1.73 13.87 9.98
CA LEU B 112 -0.90 14.19 11.13
C LEU B 112 0.53 13.68 10.95
N ALA B 113 0.66 12.42 10.51
CA ALA B 113 1.97 11.80 10.35
C ALA B 113 2.86 12.50 9.32
N THR B 114 2.24 13.10 8.31
CA THR B 114 2.95 13.64 7.16
C THR B 114 2.91 15.17 7.03
N TYR B 115 2.44 15.83 8.08
CA TYR B 115 2.44 17.30 8.20
C TYR B 115 1.50 17.93 7.18
N THR B 116 0.43 17.22 6.83
CA THR B 116 -0.49 17.71 5.80
C THR B 116 -1.89 17.99 6.32
N ALA B 117 -2.05 18.17 7.62
CA ALA B 117 -3.37 18.44 8.21
C ALA B 117 -3.93 19.79 7.82
N GLY B 118 -3.05 20.70 7.41
CA GLY B 118 -3.48 22.00 6.89
C GLY B 118 -3.02 23.19 7.71
N GLY B 119 -1.81 23.09 8.24
CA GLY B 119 -1.17 24.26 8.85
C GLY B 119 -0.92 24.21 10.34
N LEU B 120 -0.96 23.02 10.93
CA LEU B 120 -0.54 22.85 12.32
C LEU B 120 0.85 23.43 12.46
N PRO B 121 1.07 24.22 13.53
CA PRO B 121 2.29 25.01 13.67
C PRO B 121 3.53 24.18 14.01
N LEU B 122 4.70 24.69 13.62
CA LEU B 122 5.97 24.03 13.86
C LEU B 122 6.12 23.57 15.31
N GLN B 123 5.84 24.45 16.27
CA GLN B 123 5.92 24.05 17.67
C GLN B 123 4.57 24.10 18.37
N VAL B 124 4.36 23.19 19.30
CA VAL B 124 3.29 23.36 20.26
C VAL B 124 3.70 24.58 21.08
N PRO B 125 2.78 25.53 21.27
CA PRO B 125 3.06 26.73 22.07
C PRO B 125 3.62 26.39 23.45
N ASP B 126 4.54 27.23 23.94
CA ASP B 126 5.16 27.02 25.25
C ASP B 126 4.18 26.99 26.41
N GLU B 127 3.08 27.72 26.26
CA GLU B 127 2.08 27.82 27.32
C GLU B 127 1.34 26.51 27.56
N VAL B 128 1.36 25.62 26.57
CA VAL B 128 0.68 24.35 26.70
C VAL B 128 1.42 23.48 27.72
N LYS B 129 0.86 23.37 28.92
CA LYS B 129 1.51 22.64 30.00
C LYS B 129 0.70 21.43 30.48
N SER B 130 -0.62 21.52 30.42
CA SER B 130 -1.47 20.42 30.87
C SER B 130 -2.16 19.73 29.71
N SER B 131 -2.83 18.62 30.01
CA SER B 131 -3.56 17.88 28.98
C SER B 131 -4.75 18.69 28.50
N SER B 132 -5.32 19.48 29.40
CA SER B 132 -6.43 20.34 29.03
C SER B 132 -5.91 21.47 28.15
N ASP B 133 -4.67 21.92 28.42
CA ASP B 133 -4.04 22.91 27.58
C ASP B 133 -3.86 22.39 26.16
N LEU B 134 -3.49 21.11 26.06
CA LEU B 134 -3.23 20.51 24.76
C LEU B 134 -4.52 20.38 23.98
N LEU B 135 -5.58 19.94 24.66
CA LEU B 135 -6.89 19.82 24.03
C LEU B 135 -7.37 21.15 23.49
N ARG B 136 -7.31 22.20 24.30
CA ARG B 136 -7.79 23.50 23.83
C ARG B 136 -6.93 24.03 22.67
N PHE B 137 -5.64 23.74 22.68
CA PHE B 137 -4.76 24.09 21.57
C PHE B 137 -5.24 23.50 20.25
N TYR B 138 -5.54 22.20 20.26
CA TYR B 138 -6.02 21.54 19.04
C TYR B 138 -7.46 21.89 18.72
N GLN B 139 -8.26 22.10 19.75
CA GLN B 139 -9.65 22.50 19.56
C GLN B 139 -9.75 23.90 18.94
N ASN B 140 -8.81 24.78 19.28
CA ASN B 140 -8.85 26.16 18.79
C ASN B 140 -8.05 26.42 17.51
N TRP B 141 -7.27 25.45 17.09
CA TRP B 141 -6.47 25.61 15.88
C TRP B 141 -7.35 25.67 14.63
N GLN B 142 -7.10 26.68 13.80
CA GLN B 142 -7.89 26.85 12.58
C GLN B 142 -7.04 26.66 11.34
N PRO B 143 -7.27 25.56 10.60
CA PRO B 143 -6.47 25.23 9.41
C PRO B 143 -6.51 26.30 8.32
N ALA B 144 -5.33 26.73 7.89
CA ALA B 144 -5.19 27.65 6.77
C ALA B 144 -5.55 26.97 5.44
N TRP B 145 -5.36 25.67 5.37
CA TRP B 145 -5.66 24.94 4.14
C TRP B 145 -6.51 23.70 4.40
N ALA B 146 -7.14 23.20 3.35
CA ALA B 146 -7.89 21.96 3.43
C ALA B 146 -6.89 20.83 3.70
N PRO B 147 -7.35 19.74 4.34
CA PRO B 147 -6.46 18.60 4.61
C PRO B 147 -5.85 18.05 3.32
N GLY B 148 -4.62 17.55 3.40
CA GLY B 148 -3.99 16.84 2.29
C GLY B 148 -3.64 17.70 1.09
N THR B 149 -3.34 18.98 1.32
CA THR B 149 -3.02 19.91 0.23
C THR B 149 -1.65 20.60 0.37
N GLN B 150 -1.28 20.94 1.61
CA GLN B 150 0.00 21.59 1.88
C GLN B 150 0.78 20.84 2.95
N ARG B 151 2.08 20.66 2.72
CA ARG B 151 2.98 20.16 3.74
C ARG B 151 3.57 21.32 4.53
N LEU B 152 3.36 21.32 5.84
CA LEU B 152 3.99 22.29 6.73
C LEU B 152 4.64 21.50 7.87
N TYR B 153 5.97 21.37 7.80
CA TYR B 153 6.73 20.57 8.76
C TYR B 153 6.42 21.03 10.19
N ALA B 154 6.03 20.10 11.05
CA ALA B 154 5.47 20.48 12.34
C ALA B 154 5.56 19.42 13.45
N ASN B 155 6.14 19.81 14.58
CA ASN B 155 6.14 18.95 15.75
C ASN B 155 4.73 18.69 16.24
N SER B 156 3.85 19.70 16.12
CA SER B 156 2.50 19.57 16.64
C SER B 156 1.69 18.57 15.81
N SER B 157 2.16 18.30 14.59
CA SER B 157 1.48 17.37 13.69
C SER B 157 1.90 15.92 13.96
N ILE B 158 3.16 15.60 13.69
CA ILE B 158 3.63 14.25 13.91
C ILE B 158 3.65 13.88 15.42
N GLY B 159 3.81 14.87 16.28
CA GLY B 159 3.73 14.61 17.71
C GLY B 159 2.39 14.01 18.11
N LEU B 160 1.31 14.60 17.61
CA LEU B 160 -0.02 14.11 17.91
C LEU B 160 -0.26 12.74 17.25
N PHE B 161 0.29 12.56 16.05
CA PHE B 161 0.22 11.24 15.41
C PHE B 161 0.79 10.17 16.33
N GLY B 162 1.99 10.42 16.87
CA GLY B 162 2.62 9.46 17.75
C GLY B 162 1.77 9.15 18.97
N ALA B 163 1.22 10.19 19.58
CA ALA B 163 0.40 10.03 20.77
C ALA B 163 -0.86 9.19 20.48
N LEU B 164 -1.49 9.44 19.32
CA LEU B 164 -2.71 8.70 18.98
C LEU B 164 -2.45 7.28 18.51
N ALA B 165 -1.29 7.08 17.86
CA ALA B 165 -0.99 5.78 17.27
C ALA B 165 -0.89 4.67 18.31
N VAL B 166 -0.51 5.03 19.53
CA VAL B 166 -0.33 4.04 20.58
C VAL B 166 -1.60 3.80 21.38
N LYS B 167 -2.65 4.56 21.08
CA LYS B 167 -3.89 4.46 21.86
C LYS B 167 -4.48 3.04 21.95
N PRO B 168 -4.69 2.36 20.81
CA PRO B 168 -5.20 0.99 20.89
C PRO B 168 -4.35 0.03 21.74
N SER B 169 -3.04 0.20 21.74
CA SER B 169 -2.16 -0.69 22.49
C SER B 169 -2.43 -0.63 24.00
N GLY B 170 -2.99 0.47 24.46
CA GLY B 170 -3.17 0.67 25.89
C GLY B 170 -1.92 1.14 26.61
N LEU B 171 -0.79 1.10 25.91
CA LEU B 171 0.50 1.45 26.50
C LEU B 171 0.78 2.92 26.39
N SER B 172 1.64 3.43 27.27
CA SER B 172 2.13 4.79 27.12
C SER B 172 3.03 4.83 25.89
N PHE B 173 3.26 6.02 25.37
CA PHE B 173 4.14 6.15 24.23
C PHE B 173 5.52 5.57 24.53
N GLU B 174 6.06 5.83 25.73
CA GLU B 174 7.41 5.33 26.04
C GLU B 174 7.44 3.82 26.17
N GLN B 175 6.41 3.28 26.83
CA GLN B 175 6.26 1.83 26.99
C GLN B 175 6.16 1.15 25.63
N ALA B 176 5.35 1.74 24.76
CA ALA B 176 5.19 1.21 23.42
C ALA B 176 6.51 1.26 22.64
N MET B 177 7.17 2.41 22.67
CA MET B 177 8.41 2.57 21.92
C MET B 177 9.45 1.59 22.43
N GLN B 178 9.55 1.46 23.75
CA GLN B 178 10.52 0.55 24.36
C GLN B 178 10.29 -0.89 23.98
N THR B 179 9.06 -1.37 24.18
CA THR B 179 8.75 -2.77 23.94
C THR B 179 8.64 -3.15 22.46
N ARG B 180 8.20 -2.22 21.62
CA ARG B 180 7.88 -2.55 20.23
C ARG B 180 8.96 -2.17 19.24
N VAL B 181 9.86 -1.26 19.65
CA VAL B 181 10.92 -0.79 18.74
C VAL B 181 12.36 -0.91 19.31
N PHE B 182 12.64 -0.24 20.42
CA PHE B 182 13.99 -0.28 21.00
C PHE B 182 14.45 -1.70 21.33
N GLN B 183 13.68 -2.41 22.16
CA GLN B 183 14.07 -3.73 22.63
C GLN B 183 14.23 -4.78 21.52
N PRO B 184 13.25 -4.89 20.61
CA PRO B 184 13.39 -5.84 19.50
C PRO B 184 14.62 -5.62 18.64
N LEU B 185 15.07 -4.36 18.51
CA LEU B 185 16.24 -4.03 17.72
C LEU B 185 17.54 -3.95 18.54
N LYS B 186 17.45 -4.34 19.81
CA LYS B 186 18.60 -4.32 20.73
C LYS B 186 19.18 -2.91 20.89
N LEU B 187 18.33 -1.89 20.79
CA LEU B 187 18.76 -0.53 21.07
C LEU B 187 18.70 -0.35 22.58
N ASN B 188 19.71 -0.88 23.27
CA ASN B 188 19.69 -0.96 24.72
C ASN B 188 20.28 0.25 25.44
N HIS B 189 20.73 1.24 24.67
CA HIS B 189 21.14 2.53 25.23
C HIS B 189 20.52 3.68 24.46
N THR B 190 19.21 3.57 24.26
CA THR B 190 18.42 4.59 23.60
C THR B 190 17.23 4.90 24.50
N TRP B 191 17.02 6.17 24.79
CA TRP B 191 16.06 6.53 25.83
C TRP B 191 15.21 7.74 25.47
N ILE B 192 13.94 7.69 25.82
CA ILE B 192 13.14 8.90 25.86
C ILE B 192 13.45 9.66 27.16
N ASN B 193 13.44 8.93 28.26
CA ASN B 193 13.88 9.48 29.55
C ASN B 193 15.11 8.72 30.00
N VAL B 194 16.23 9.43 30.08
CA VAL B 194 17.49 8.81 30.45
C VAL B 194 17.42 8.38 31.92
N PRO B 195 17.57 7.07 32.21
CA PRO B 195 17.51 6.55 33.58
C PRO B 195 18.69 7.06 34.39
N PRO B 196 18.52 7.27 35.71
CA PRO B 196 19.63 7.80 36.51
C PRO B 196 21.00 7.11 36.30
N PRO B 197 21.06 5.77 36.25
CA PRO B 197 22.39 5.15 36.10
C PRO B 197 23.05 5.45 34.74
N GLU B 198 22.27 5.92 33.78
CA GLU B 198 22.80 6.22 32.44
C GLU B 198 23.19 7.68 32.28
N GLU B 199 22.81 8.50 33.24
CA GLU B 199 23.01 9.94 33.17
C GLU B 199 24.47 10.34 32.97
N LYS B 200 25.38 9.49 33.44
CA LYS B 200 26.81 9.76 33.33
C LYS B 200 27.30 9.77 31.88
N ASN B 201 26.58 9.05 31.02
CA ASN B 201 26.93 8.98 29.60
C ASN B 201 26.26 10.06 28.77
N TYR B 202 25.43 10.88 29.41
CA TYR B 202 24.64 11.89 28.72
C TYR B 202 25.50 13.12 28.47
N ALA B 203 25.88 13.35 27.21
CA ALA B 203 26.65 14.53 26.83
C ALA B 203 25.92 15.82 27.18
N TRP B 204 26.68 16.86 27.50
CA TRP B 204 26.13 18.19 27.52
C TRP B 204 26.07 18.70 26.11
N GLY B 205 25.04 19.47 25.80
CA GLY B 205 24.98 20.17 24.53
C GLY B 205 25.60 21.52 24.75
N TYR B 206 25.99 22.19 23.67
CA TYR B 206 26.58 23.50 23.79
C TYR B 206 25.95 24.53 22.85
N ARG B 207 25.43 25.61 23.45
CA ARG B 207 24.83 26.69 22.70
C ARG B 207 25.51 27.98 23.12
N GLU B 208 26.24 28.58 22.20
CA GLU B 208 27.06 29.75 22.51
C GLU B 208 27.95 29.48 23.71
N GLY B 209 28.64 28.34 23.68
CA GLY B 209 29.59 27.98 24.71
C GLY B 209 29.01 27.62 26.07
N LYS B 210 27.68 27.61 26.17
CA LYS B 210 27.02 27.26 27.43
C LYS B 210 26.44 25.85 27.37
N ALA B 211 26.66 25.09 28.44
CA ALA B 211 26.16 23.71 28.53
C ALA B 211 24.65 23.69 28.72
N VAL B 212 23.96 22.98 27.83
CA VAL B 212 22.50 22.92 27.85
C VAL B 212 21.98 21.51 27.57
N HIS B 213 20.77 21.25 28.05
CA HIS B 213 20.04 20.04 27.66
C HIS B 213 18.69 20.49 27.16
N VAL B 214 18.04 19.64 26.36
CA VAL B 214 16.73 19.97 25.80
C VAL B 214 15.70 20.23 26.89
N SER B 215 14.86 21.24 26.69
CA SER B 215 13.82 21.57 27.67
C SER B 215 12.54 20.75 27.45
N PRO B 216 11.86 20.41 28.55
CA PRO B 216 10.57 19.71 28.50
C PRO B 216 9.58 20.50 27.66
N GLY B 217 8.71 19.80 26.97
CA GLY B 217 7.72 20.46 26.13
C GLY B 217 6.64 19.49 25.71
N ALA B 218 5.51 20.04 25.29
CA ALA B 218 4.36 19.21 24.94
C ALA B 218 4.70 18.32 23.76
N LEU B 219 4.36 17.05 23.89
CA LEU B 219 4.60 16.03 22.86
C LEU B 219 6.07 15.93 22.50
N ASP B 220 6.95 16.24 23.46
CA ASP B 220 8.38 16.17 23.20
C ASP B 220 8.87 14.75 22.89
N ALA B 221 8.41 13.77 23.66
CA ALA B 221 8.83 12.39 23.43
C ALA B 221 8.53 11.99 21.99
N GLU B 222 7.34 12.37 21.54
CA GLU B 222 6.84 11.92 20.25
C GLU B 222 7.50 12.64 19.07
N ALA B 223 7.95 13.87 19.30
CA ALA B 223 8.47 14.70 18.22
C ALA B 223 9.99 14.92 18.20
N TYR B 224 10.65 14.91 19.37
CA TYR B 224 12.07 15.26 19.38
C TYR B 224 12.85 14.83 20.61
N GLY B 225 12.31 13.90 21.40
CA GLY B 225 12.87 13.66 22.72
C GLY B 225 13.74 12.43 22.94
N VAL B 226 14.18 11.77 21.87
CA VAL B 226 15.00 10.57 22.05
C VAL B 226 16.48 10.92 22.19
N LYS B 227 17.18 10.19 23.05
CA LYS B 227 18.61 10.31 23.21
C LYS B 227 19.23 8.96 22.88
N SER B 228 20.37 8.95 22.21
CA SER B 228 20.96 7.68 21.80
C SER B 228 22.47 7.72 21.62
N THR B 229 23.07 6.54 21.55
CA THR B 229 24.50 6.42 21.29
C THR B 229 24.79 6.21 19.81
N ILE B 230 26.04 6.40 19.43
CA ILE B 230 26.44 6.23 18.03
C ILE B 230 26.30 4.76 17.62
N GLU B 231 26.49 3.85 18.57
CA GLU B 231 26.30 2.42 18.31
C GLU B 231 24.84 2.06 18.03
N ASP B 232 23.94 2.55 18.88
CA ASP B 232 22.52 2.25 18.71
C ASP B 232 21.99 2.88 17.43
N MET B 233 22.48 4.06 17.10
CA MET B 233 22.01 4.75 15.90
C MET B 233 22.56 4.08 14.64
N ALA B 234 23.76 3.53 14.69
CA ALA B 234 24.25 2.73 13.57
C ALA B 234 23.33 1.51 13.42
N ARG B 235 22.97 0.90 14.54
CA ARG B 235 22.04 -0.23 14.52
C ARG B 235 20.69 0.19 13.93
N TRP B 236 20.21 1.36 14.34
CA TRP B 236 18.97 1.92 13.80
C TRP B 236 19.04 2.07 12.28
N VAL B 237 20.13 2.63 11.76
CA VAL B 237 20.26 2.79 10.31
C VAL B 237 20.25 1.43 9.61
N ARG B 238 20.99 0.47 10.16
CA ARG B 238 21.06 -0.86 9.54
C ARG B 238 19.70 -1.52 9.50
N SER B 239 18.94 -1.36 10.57
CA SER B 239 17.61 -1.93 10.66
C SER B 239 16.65 -1.33 9.63
N ASN B 240 16.80 -0.03 9.39
CA ASN B 240 15.92 0.66 8.43
C ASN B 240 16.38 0.43 6.99
N MET B 241 17.67 0.18 6.82
CA MET B 241 18.25 -0.12 5.53
C MET B 241 17.82 -1.49 5.03
N ASN B 242 17.95 -2.47 5.91
CA ASN B 242 17.61 -3.85 5.58
C ASN B 242 16.61 -4.45 6.55
N PRO B 243 15.34 -4.01 6.46
CA PRO B 243 14.28 -4.49 7.37
C PRO B 243 14.03 -6.00 7.27
N ARG B 244 14.26 -6.58 6.10
CA ARG B 244 14.02 -8.01 5.87
C ARG B 244 14.78 -8.93 6.83
N ASP B 245 15.78 -8.38 7.51
CA ASP B 245 16.62 -9.16 8.42
C ASP B 245 16.12 -9.09 9.86
N ILE B 246 14.87 -8.68 10.05
CA ILE B 246 14.32 -8.49 11.39
C ILE B 246 13.29 -9.55 11.77
N ASN B 247 13.46 -10.13 12.96
CA ASN B 247 12.59 -11.18 13.51
C ASN B 247 11.12 -10.76 13.64
N ASP B 248 10.93 -9.63 14.30
CA ASP B 248 9.63 -9.03 14.59
C ASP B 248 8.93 -8.67 13.28
N LYS B 249 7.93 -9.48 12.90
CA LYS B 249 7.24 -9.32 11.62
C LYS B 249 6.54 -7.97 11.46
N THR B 250 5.78 -7.56 12.47
CA THR B 250 5.08 -6.28 12.41
C THR B 250 6.06 -5.11 12.41
N LEU B 251 7.20 -5.28 13.08
CA LEU B 251 8.22 -4.23 13.11
C LEU B 251 8.95 -4.15 11.76
N GLN B 252 9.21 -5.31 11.15
CA GLN B 252 9.75 -5.33 9.80
C GLN B 252 8.80 -4.57 8.86
N GLN B 253 7.51 -4.86 8.98
CA GLN B 253 6.52 -4.23 8.11
C GLN B 253 6.39 -2.74 8.40
N GLY B 254 6.46 -2.39 9.68
CA GLY B 254 6.39 -0.99 10.09
C GLY B 254 7.54 -0.17 9.55
N ILE B 255 8.75 -0.71 9.62
CA ILE B 255 9.93 -0.07 9.04
C ILE B 255 9.71 0.16 7.55
N GLN B 256 9.17 -0.86 6.89
CA GLN B 256 8.85 -0.73 5.47
C GLN B 256 7.86 0.39 5.21
N LEU B 257 6.79 0.45 6.01
CA LEU B 257 5.74 1.44 5.83
C LEU B 257 6.22 2.86 6.06
N ALA B 258 7.21 3.03 6.94
CA ALA B 258 7.77 4.35 7.21
C ALA B 258 8.53 4.93 6.02
N GLN B 259 8.95 4.06 5.10
CA GLN B 259 9.62 4.48 3.87
C GLN B 259 8.73 4.43 2.63
N SER B 260 7.45 4.10 2.82
CA SER B 260 6.50 4.27 1.72
C SER B 260 6.43 5.75 1.35
N ARG B 261 6.11 6.02 0.10
CA ARG B 261 6.04 7.39 -0.39
C ARG B 261 4.57 7.80 -0.46
N TYR B 262 4.15 8.69 0.42
CA TYR B 262 2.75 9.04 0.57
C TYR B 262 2.40 10.34 -0.14
N TRP B 263 3.39 11.23 -0.25
CA TRP B 263 3.22 12.53 -0.88
C TRP B 263 4.49 12.89 -1.61
N GLN B 264 4.36 13.63 -2.70
CA GLN B 264 5.54 14.14 -3.38
C GLN B 264 5.51 15.66 -3.30
N THR B 265 6.63 16.26 -2.92
CA THR B 265 6.75 17.70 -3.01
C THR B 265 8.11 18.04 -3.56
N GLY B 266 8.13 18.81 -4.65
CA GLY B 266 9.37 19.15 -5.30
C GLY B 266 10.16 17.88 -5.60
N ASP B 267 11.38 17.82 -5.08
CA ASP B 267 12.27 16.70 -5.33
C ASP B 267 12.12 15.55 -4.33
N MET B 268 11.30 15.75 -3.30
CA MET B 268 11.27 14.76 -2.22
C MET B 268 9.94 14.04 -2.05
N TYR B 269 9.99 12.92 -1.34
CA TYR B 269 8.81 12.13 -1.01
C TYR B 269 8.69 12.03 0.50
N GLN B 270 7.48 12.17 1.01
CA GLN B 270 7.28 12.10 2.46
C GLN B 270 6.90 10.69 2.92
N GLY B 271 7.67 10.14 3.88
CA GLY B 271 7.34 8.87 4.49
C GLY B 271 6.77 9.13 5.87
N LEU B 272 6.90 8.17 6.78
CA LEU B 272 6.49 8.38 8.16
C LEU B 272 7.77 8.68 8.94
N GLY B 273 7.99 9.96 9.26
CA GLY B 273 9.25 10.35 9.87
C GLY B 273 10.35 10.53 8.83
N TRP B 274 10.71 9.45 8.15
CA TRP B 274 11.71 9.53 7.09
C TRP B 274 11.25 10.38 5.91
N GLU B 275 12.21 10.98 5.24
CA GLU B 275 12.01 11.66 3.98
C GLU B 275 12.92 11.01 2.96
N MET B 276 12.47 10.94 1.70
CA MET B 276 13.21 10.21 0.69
C MET B 276 13.34 11.01 -0.59
N LEU B 277 14.46 10.83 -1.28
CA LEU B 277 14.62 11.31 -2.65
C LEU B 277 15.12 10.18 -3.53
N ASP B 278 14.88 10.31 -4.83
CA ASP B 278 15.37 9.32 -5.77
C ASP B 278 16.88 9.32 -5.79
N TRP B 279 17.45 8.12 -5.77
CA TRP B 279 18.87 7.91 -5.95
C TRP B 279 19.11 7.42 -7.37
N PRO B 280 20.13 7.95 -8.06
CA PRO B 280 21.15 8.92 -7.63
C PRO B 280 20.57 10.28 -7.36
N VAL B 281 21.06 10.90 -6.30
CA VAL B 281 20.50 12.15 -5.86
C VAL B 281 21.47 13.28 -6.24
N ASN B 282 20.92 14.42 -6.66
CA ASN B 282 21.74 15.59 -6.89
C ASN B 282 22.00 16.22 -5.53
N PRO B 283 23.27 16.35 -5.14
CA PRO B 283 23.62 16.90 -3.82
C PRO B 283 23.06 18.29 -3.58
N ASP B 284 22.96 19.11 -4.62
CA ASP B 284 22.39 20.45 -4.48
C ASP B 284 20.93 20.38 -4.06
N SER B 285 20.24 19.33 -4.49
CA SER B 285 18.84 19.15 -4.14
C SER B 285 18.65 18.92 -2.64
N ILE B 286 19.56 18.19 -2.01
CA ILE B 286 19.41 17.93 -0.58
C ILE B 286 20.08 18.99 0.28
N ILE B 287 21.12 19.63 -0.25
CA ILE B 287 21.81 20.68 0.50
C ILE B 287 20.97 21.97 0.57
N ASN B 288 20.46 22.41 -0.58
CA ASN B 288 19.66 23.63 -0.62
C ASN B 288 18.34 23.45 0.12
N GLY B 289 17.76 22.26 0.01
CA GLY B 289 16.47 21.99 0.62
C GLY B 289 16.49 21.94 2.14
N SER B 290 17.69 22.03 2.71
CA SER B 290 17.85 21.93 4.16
C SER B 290 18.08 23.30 4.79
N ALA B 299 8.54 26.97 3.37
CA ALA B 299 7.51 27.22 4.38
C ALA B 299 6.41 26.16 4.30
N ALA B 300 5.36 26.46 3.53
CA ALA B 300 4.34 25.47 3.21
C ALA B 300 4.49 25.10 1.75
N HIS B 301 4.48 23.80 1.47
CA HIS B 301 4.72 23.33 0.11
C HIS B 301 3.54 22.48 -0.35
N PRO B 302 3.04 22.72 -1.58
CA PRO B 302 1.93 21.92 -2.11
C PRO B 302 2.33 20.46 -2.32
N VAL B 303 1.47 19.55 -1.88
CA VAL B 303 1.74 18.13 -2.02
C VAL B 303 0.87 17.45 -3.06
N LYS B 304 1.46 16.52 -3.79
CA LYS B 304 0.74 15.65 -4.69
C LYS B 304 0.51 14.31 -3.99
N ALA B 305 -0.75 13.88 -3.89
CA ALA B 305 -1.09 12.59 -3.31
C ALA B 305 -0.50 11.44 -4.12
N ILE B 306 0.03 10.45 -3.41
CA ILE B 306 0.45 9.20 -4.02
C ILE B 306 -0.49 8.10 -3.52
N THR B 307 -1.44 7.71 -4.37
CA THR B 307 -2.49 6.77 -3.98
C THR B 307 -2.60 5.64 -5.00
N PRO B 308 -2.28 4.39 -4.59
CA PRO B 308 -1.82 4.00 -3.26
C PRO B 308 -0.38 4.48 -3.02
N PRO B 309 0.06 4.51 -1.76
CA PRO B 309 1.45 4.92 -1.52
C PRO B 309 2.42 3.99 -2.22
N THR B 310 3.55 4.53 -2.66
CA THR B 310 4.55 3.68 -3.29
C THR B 310 5.33 2.94 -2.21
N PRO B 311 5.38 1.60 -2.29
CA PRO B 311 6.17 0.89 -1.30
C PRO B 311 7.64 1.31 -1.34
N ALA B 312 8.31 1.20 -0.19
CA ALA B 312 9.70 1.65 -0.04
C ALA B 312 10.57 1.36 -1.27
N VAL B 313 11.15 2.41 -1.84
CA VAL B 313 12.00 2.31 -3.02
C VAL B 313 13.46 2.18 -2.56
N ARG B 314 14.10 1.07 -2.90
CA ARG B 314 15.50 0.87 -2.50
C ARG B 314 16.43 1.90 -3.13
N ALA B 315 16.12 2.35 -4.35
CA ALA B 315 16.89 3.41 -5.01
C ALA B 315 16.51 4.77 -4.47
N SER B 316 16.78 4.99 -3.18
CA SER B 316 16.48 6.25 -2.52
C SER B 316 17.63 6.70 -1.65
N TRP B 317 17.70 8.02 -1.48
CA TRP B 317 18.45 8.63 -0.39
C TRP B 317 17.41 8.84 0.70
N VAL B 318 17.50 8.11 1.80
CA VAL B 318 16.54 8.21 2.90
C VAL B 318 17.23 8.95 4.04
N HIS B 319 16.62 10.01 4.54
CA HIS B 319 17.32 10.82 5.54
C HIS B 319 16.42 11.59 6.48
N LYS B 320 17.02 12.15 7.54
CA LYS B 320 16.31 13.02 8.47
C LYS B 320 17.35 13.84 9.24
N THR B 321 17.13 15.15 9.29
CA THR B 321 17.91 16.03 10.16
C THR B 321 17.22 16.21 11.52
N GLY B 322 17.99 16.63 12.52
CA GLY B 322 17.39 16.93 13.80
C GLY B 322 18.32 17.80 14.61
N ALA B 323 17.74 18.63 15.45
CA ALA B 323 18.53 19.49 16.33
C ALA B 323 17.79 19.74 17.63
N THR B 324 18.54 20.10 18.65
CA THR B 324 17.99 20.68 19.86
C THR B 324 18.82 21.93 20.08
N GLY B 325 18.54 22.67 21.14
CA GLY B 325 19.30 23.88 21.43
C GLY B 325 20.78 23.60 21.39
N GLY B 326 21.18 22.46 21.92
CA GLY B 326 22.60 22.15 22.04
C GLY B 326 23.14 21.02 21.20
N PHE B 327 22.32 20.40 20.34
CA PHE B 327 22.79 19.26 19.54
C PHE B 327 22.39 19.36 18.06
N GLY B 328 23.17 18.71 17.20
CA GLY B 328 22.84 18.64 15.79
C GLY B 328 23.06 17.23 15.29
N SER B 329 22.02 16.63 14.73
CA SER B 329 22.09 15.24 14.25
C SER B 329 21.70 15.11 12.79
N TYR B 330 22.24 14.10 12.13
CA TYR B 330 21.85 13.75 10.77
C TYR B 330 21.97 12.27 10.52
N VAL B 331 20.98 11.70 9.83
CA VAL B 331 21.05 10.31 9.43
C VAL B 331 20.69 10.23 7.96
N ALA B 332 21.46 9.48 7.19
CA ALA B 332 21.13 9.27 5.77
C ALA B 332 21.60 7.89 5.36
N PHE B 333 20.84 7.27 4.46
CA PHE B 333 21.22 5.97 3.96
C PHE B 333 20.61 5.68 2.59
N ILE B 334 21.25 4.79 1.86
CA ILE B 334 20.83 4.45 0.51
C ILE B 334 20.69 2.95 0.44
N PRO B 335 19.46 2.43 0.57
CA PRO B 335 19.26 0.98 0.67
C PRO B 335 19.84 0.21 -0.53
N GLU B 336 19.63 0.72 -1.74
CA GLU B 336 20.16 0.08 -2.95
C GLU B 336 21.67 -0.17 -2.87
N LYS B 337 22.39 0.76 -2.25
CA LYS B 337 23.85 0.65 -2.18
C LYS B 337 24.36 0.10 -0.85
N GLU B 338 23.44 -0.27 0.05
CA GLU B 338 23.78 -0.79 1.38
C GLU B 338 24.73 0.13 2.17
N LEU B 339 24.51 1.43 2.03
CA LEU B 339 25.44 2.46 2.50
C LEU B 339 24.70 3.43 3.41
N GLY B 340 25.31 3.81 4.53
CA GLY B 340 24.64 4.75 5.43
C GLY B 340 25.56 5.53 6.34
N ILE B 341 25.04 6.57 6.96
CA ILE B 341 25.83 7.38 7.88
C ILE B 341 24.98 7.97 9.02
N VAL B 342 25.55 8.03 10.22
CA VAL B 342 24.97 8.78 11.33
C VAL B 342 26.00 9.83 11.75
N MET B 343 25.57 11.09 11.90
CA MET B 343 26.44 12.13 12.43
C MET B 343 25.79 12.76 13.67
N LEU B 344 26.40 12.59 14.83
CA LEU B 344 25.86 13.17 16.08
C LEU B 344 26.86 14.15 16.66
N ALA B 345 26.39 15.35 17.00
CA ALA B 345 27.26 16.36 17.59
C ALA B 345 26.58 17.11 18.73
N ASN B 346 27.36 17.50 19.73
CA ASN B 346 26.83 18.31 20.83
C ASN B 346 26.94 19.81 20.60
N LYS B 347 26.62 20.21 19.37
CA LYS B 347 26.35 21.59 19.03
C LYS B 347 25.38 21.62 17.85
N ASN B 348 24.42 22.53 17.86
CA ASN B 348 23.49 22.69 16.75
C ASN B 348 24.11 23.54 15.65
N TYR B 349 24.75 22.88 14.69
CA TYR B 349 25.40 23.59 13.58
C TYR B 349 24.56 23.40 12.31
N PRO B 350 24.67 24.32 11.34
CA PRO B 350 23.65 24.36 10.27
C PRO B 350 23.50 23.07 9.44
N ASN B 351 22.25 22.76 9.09
CA ASN B 351 21.93 21.57 8.29
C ASN B 351 22.73 21.38 7.00
N PRO B 352 22.85 22.44 6.16
CA PRO B 352 23.57 22.20 4.90
C PRO B 352 24.97 21.65 5.10
N ALA B 353 25.62 22.04 6.20
CA ALA B 353 26.96 21.55 6.50
C ALA B 353 26.93 20.05 6.81
N ARG B 354 25.88 19.62 7.50
CA ARG B 354 25.68 18.21 7.80
C ARG B 354 25.48 17.41 6.52
N VAL B 355 24.51 17.84 5.72
CA VAL B 355 24.16 17.14 4.49
C VAL B 355 25.35 17.09 3.52
N ALA B 356 26.01 18.23 3.34
CA ALA B 356 27.17 18.31 2.44
C ALA B 356 28.27 17.34 2.85
N ALA B 357 28.53 17.26 4.15
CA ALA B 357 29.51 16.32 4.69
C ALA B 357 29.07 14.86 4.50
N ALA B 358 27.81 14.57 4.79
CA ALA B 358 27.29 13.22 4.61
C ALA B 358 27.36 12.82 3.14
N TRP B 359 27.05 13.77 2.27
CA TRP B 359 27.09 13.53 0.83
C TRP B 359 28.49 13.13 0.41
N GLN B 360 29.46 13.97 0.74
CA GLN B 360 30.86 13.74 0.39
C GLN B 360 31.34 12.38 0.86
N ILE B 361 30.97 12.00 2.07
CA ILE B 361 31.38 10.71 2.63
C ILE B 361 30.75 9.51 1.92
N LEU B 362 29.43 9.54 1.74
CA LEU B 362 28.75 8.41 1.12
C LEU B 362 29.09 8.32 -0.37
N ASN B 363 29.23 9.46 -1.02
CA ASN B 363 29.54 9.47 -2.46
C ASN B 363 30.92 8.87 -2.75
N ALA B 364 31.84 9.04 -1.81
CA ALA B 364 33.18 8.50 -1.94
C ALA B 364 33.22 7.00 -1.69
N LEU B 365 32.12 6.45 -1.17
CA LEU B 365 32.10 5.06 -0.76
C LEU B 365 31.26 4.14 -1.66
N GLN B 366 30.75 4.68 -2.76
CA GLN B 366 29.88 3.89 -3.64
C GLN B 366 30.61 2.72 -4.31
P AMP C . -20.28 -7.94 -15.99
O1P AMP C . -20.73 -9.38 -16.14
O2P AMP C . -20.98 -7.20 -14.86
O5' AMP C . -20.67 -7.07 -17.28
C5' AMP C . -20.19 -7.40 -18.56
C4' AMP C . -21.32 -7.80 -19.47
O4' AMP C . -22.13 -6.65 -19.81
C3' AMP C . -20.92 -8.39 -20.81
O3' AMP C . -20.61 -9.77 -20.72
C2' AMP C . -22.12 -8.08 -21.70
O2' AMP C . -23.17 -9.03 -21.48
C1' AMP C . -22.56 -6.73 -21.14
N9 AMP C . -21.94 -5.59 -21.86
C8 AMP C . -20.78 -4.91 -21.80
N7 AMP C . -20.86 -3.93 -22.73
C5 AMP C . -22.07 -4.04 -23.35
C6 AMP C . -22.66 -3.30 -24.36
N6 AMP C . -22.11 -2.20 -25.05
N1 AMP C . -23.89 -3.58 -24.81
C2 AMP C . -24.59 -4.62 -24.26
N3 AMP C . -24.02 -5.36 -23.25
C4 AMP C . -22.77 -5.06 -22.80
P AMP D . 13.47 19.10 14.63
O1P AMP D . 13.40 19.80 13.28
O2P AMP D . 14.88 18.93 15.15
O5' AMP D . 12.65 20.03 15.65
C5' AMP D . 12.51 19.71 17.02
C4' AMP D . 13.27 20.67 17.90
O4' AMP D . 12.56 21.94 17.98
C3' AMP D . 13.43 20.24 19.35
O3' AMP D . 14.47 19.30 19.52
C2' AMP D . 13.63 21.57 20.08
O2' AMP D . 14.96 22.04 19.93
C1' AMP D . 12.69 22.49 19.28
N9 AMP D . 11.35 22.55 19.89
C8 AMP D . 10.14 21.99 19.70
N7 AMP D . 9.33 22.52 20.65
C5 AMP D . 10.07 23.39 21.42
C6 AMP D . 9.74 24.18 22.51
N6 AMP D . 8.49 24.32 23.17
N1 AMP D . 10.65 24.96 23.10
C2 AMP D . 11.93 24.98 22.62
N3 AMP D . 12.26 24.20 21.54
C4 AMP D . 11.33 23.41 20.94
S SO4 E . 15.68 23.59 23.45
O1 SO4 E . 15.24 23.95 22.09
O2 SO4 E . 16.80 22.66 23.35
O3 SO4 E . 14.59 22.96 24.20
O4 SO4 E . 16.08 24.80 24.15
#